data_4GT7
#
_entry.id   4GT7
#
_cell.length_a   106.753
_cell.length_b   104.807
_cell.length_c   45.899
_cell.angle_alpha   90.00
_cell.angle_beta   94.51
_cell.angle_gamma   90.00
#
_symmetry.space_group_name_H-M   'P 1 21 1'
#
loop_
_entity.id
_entity.type
_entity.pdbx_description
1 polymer 'Ig epsilon chain C region'
2 branched alpha-D-mannopyranose-(1-3)-[alpha-D-mannopyranose-(1-6)]beta-D-mannopyranose-(1-4)-2-acetamido-2-deoxy-beta-D-glucopyranose-(1-4)-2-acetamido-2-deoxy-beta-D-glucopyranose
3 branched alpha-D-mannopyranose-(1-6)-beta-D-mannopyranose-(1-4)-2-acetamido-2-deoxy-beta-D-glucopyranose-(1-4)-2-acetamido-2-deoxy-beta-D-glucopyranose
4 water water
#
_entity_poly.entity_id   1
_entity_poly.type   'polypeptide(L)'
_entity_poly.pdbx_seq_one_letter_code
;ADPAADSNPRCVSAYLSRPSPFDLFIRKSPTITCLVVDLAPSKGTVNLTWSRASGKPVNHSTRKEEKQRNGTLTVTSTLP
VGTRDWIEGETYQCRVTHPHLPRALMRSTTKTSGPRAAPEVYAFATPEWPGSRDKRTLACLIQNFMPEDISVQWLHNEVQ
LPDARHSTTQPRKTKGSGFFVFSRLEVTRAEWEQKDEFICRAVHEAASPSQTVQRAVSVNP
;
_entity_poly.pdbx_strand_id   A,B,C,D
#
loop_
_chem_comp.id
_chem_comp.type
_chem_comp.name
_chem_comp.formula
BMA D-saccharide, beta linking beta-D-mannopyranose 'C6 H12 O6'
MAN D-saccharide, alpha linking alpha-D-mannopyranose 'C6 H12 O6'
NAG D-saccharide, beta linking 2-acetamido-2-deoxy-beta-D-glucopyranose 'C8 H15 N O6'
#
# COMPACT_ATOMS: atom_id res chain seq x y z
N ARG A 10 -4.74 -39.42 18.15
CA ARG A 10 -3.53 -39.27 18.97
C ARG A 10 -2.51 -40.37 18.72
N CYS A 11 -1.32 -39.98 18.29
CA CYS A 11 -0.27 -40.96 18.01
C CYS A 11 1.12 -40.49 18.41
N VAL A 12 1.70 -41.20 19.37
CA VAL A 12 2.99 -40.84 19.95
C VAL A 12 4.11 -41.01 18.96
N SER A 13 4.84 -39.93 18.72
CA SER A 13 5.97 -39.99 17.81
C SER A 13 7.23 -39.40 18.46
N ALA A 14 8.38 -39.84 17.99
CA ALA A 14 9.63 -39.38 18.57
C ALA A 14 10.57 -38.83 17.50
N TYR A 15 11.33 -37.80 17.88
CA TYR A 15 12.19 -37.08 16.95
C TYR A 15 13.57 -36.89 17.53
N LEU A 16 14.59 -37.27 16.78
CA LEU A 16 15.96 -37.17 17.31
C LEU A 16 16.78 -36.22 16.43
N SER A 17 17.24 -35.15 17.04
CA SER A 17 17.95 -34.09 16.30
C SER A 17 19.46 -34.21 16.37
N ARG A 18 20.11 -33.78 15.29
CA ARG A 18 21.57 -33.60 15.27
C ARG A 18 21.95 -32.29 15.96
N PRO A 19 23.22 -32.15 16.35
CA PRO A 19 23.60 -30.90 17.02
C PRO A 19 23.51 -29.68 16.10
N SER A 20 23.21 -28.52 16.67
CA SER A 20 23.24 -27.31 15.84
C SER A 20 24.66 -27.04 15.44
N PRO A 21 24.89 -26.69 14.16
CA PRO A 21 26.24 -26.34 13.69
C PRO A 21 26.87 -25.19 14.50
N PHE A 22 26.05 -24.26 14.96
CA PHE A 22 26.51 -23.30 15.93
C PHE A 22 27.06 -23.95 17.21
N ASP A 23 26.25 -24.78 17.87
CA ASP A 23 26.67 -25.40 19.13
C ASP A 23 27.94 -26.20 18.88
N LEU A 24 27.92 -26.92 17.77
CA LEU A 24 28.98 -27.84 17.42
C LEU A 24 30.31 -27.19 17.06
N PHE A 25 30.26 -26.15 16.23
CA PHE A 25 31.47 -25.52 15.72
C PHE A 25 31.83 -24.23 16.44
N ILE A 26 30.82 -23.49 16.88
CA ILE A 26 31.09 -22.21 17.52
C ILE A 26 31.22 -22.33 19.04
N ARG A 27 30.16 -22.74 19.70
CA ARG A 27 30.20 -22.93 21.14
C ARG A 27 31.02 -24.16 21.51
N LYS A 28 31.30 -25.01 20.52
CA LYS A 28 31.95 -26.30 20.78
C LYS A 28 31.36 -27.04 21.98
N SER A 29 30.05 -26.89 22.19
CA SER A 29 29.35 -27.72 23.15
C SER A 29 28.07 -28.19 22.48
N PRO A 30 28.20 -29.19 21.60
CA PRO A 30 27.06 -29.79 20.92
C PRO A 30 26.17 -30.63 21.83
N THR A 31 24.88 -30.63 21.52
CA THR A 31 23.91 -31.50 22.17
C THR A 31 22.98 -32.07 21.14
N ILE A 32 22.35 -33.19 21.47
CA ILE A 32 21.28 -33.71 20.64
C ILE A 32 20.02 -33.74 21.47
N THR A 33 18.88 -33.75 20.82
CA THR A 33 17.62 -33.75 21.54
C THR A 33 16.66 -34.79 21.01
N CYS A 34 16.07 -35.53 21.94
CA CYS A 34 15.03 -36.51 21.66
C CYS A 34 13.72 -35.89 22.09
N LEU A 35 12.82 -35.74 21.14
CA LEU A 35 11.54 -35.11 21.41
C LEU A 35 10.40 -36.11 21.27
N VAL A 36 9.61 -36.26 22.32
CA VAL A 36 8.48 -37.18 22.26
C VAL A 36 7.17 -36.43 22.41
N VAL A 37 6.32 -36.56 21.40
CA VAL A 37 5.10 -35.78 21.30
C VAL A 37 3.86 -36.65 21.46
N ASP A 38 2.74 -36.02 21.77
CA ASP A 38 1.43 -36.68 21.76
C ASP A 38 1.32 -37.75 22.84
N LEU A 39 1.91 -37.48 23.99
CA LEU A 39 1.75 -38.38 25.12
C LEU A 39 0.50 -38.06 25.90
N ALA A 40 -0.06 -39.09 26.53
CA ALA A 40 -1.22 -38.91 27.39
C ALA A 40 -0.72 -38.62 28.81
N PRO A 41 -1.00 -37.41 29.29
CA PRO A 41 -0.53 -37.02 30.62
C PRO A 41 -0.90 -38.03 31.71
N SER A 42 -0.10 -38.05 32.77
CA SER A 42 -0.35 -38.91 33.92
C SER A 42 -0.72 -40.36 33.55
N LYS A 43 -0.11 -40.87 32.49
CA LYS A 43 -0.19 -42.30 32.21
C LYS A 43 1.07 -42.96 32.70
N GLY A 44 1.59 -42.46 33.82
CA GLY A 44 2.89 -42.88 34.31
C GLY A 44 3.96 -42.16 33.51
N THR A 45 5.21 -42.33 33.90
CA THR A 45 6.30 -41.62 33.23
C THR A 45 6.88 -42.40 32.04
N VAL A 46 7.33 -41.64 31.05
CA VAL A 46 8.01 -42.19 29.90
C VAL A 46 9.49 -42.26 30.23
N ASN A 47 10.14 -43.37 29.90
CA ASN A 47 11.59 -43.44 30.00
C ASN A 47 12.25 -43.03 28.68
N LEU A 48 13.19 -42.09 28.74
CA LEU A 48 14.06 -41.79 27.60
C LEU A 48 15.45 -42.23 27.94
N THR A 49 15.97 -43.17 27.17
CA THR A 49 17.28 -43.69 27.46
C THR A 49 18.21 -43.43 26.31
N TRP A 50 19.37 -42.87 26.64
CA TRP A 50 20.42 -42.61 25.69
C TRP A 50 21.46 -43.72 25.69
N SER A 51 21.98 -44.00 24.51
CA SER A 51 23.07 -44.96 24.37
C SER A 51 23.95 -44.61 23.17
N ARG A 52 25.17 -45.12 23.17
CA ARG A 52 26.06 -44.97 22.02
C ARG A 52 26.27 -46.31 21.31
N ALA A 53 26.40 -46.27 19.99
CA ALA A 53 26.64 -47.47 19.23
C ALA A 53 27.95 -48.15 19.64
N SER A 54 28.95 -47.34 20.01
CA SER A 54 30.24 -47.85 20.45
C SER A 54 30.17 -48.41 21.87
N GLY A 55 29.10 -48.07 22.56
CA GLY A 55 28.86 -48.55 23.90
C GLY A 55 29.54 -47.72 24.96
N LYS A 56 30.27 -46.69 24.53
CA LYS A 56 30.94 -45.82 25.48
C LYS A 56 29.90 -45.02 26.26
N PRO A 57 30.29 -44.44 27.40
CA PRO A 57 29.35 -43.77 28.30
C PRO A 57 28.70 -42.50 27.72
N VAL A 58 27.45 -42.27 28.08
CA VAL A 58 26.78 -41.03 27.71
C VAL A 58 26.78 -40.08 28.92
N ASN A 59 26.80 -38.78 28.63
CA ASN A 59 26.75 -37.76 29.67
C ASN A 59 25.40 -37.74 30.35
N HIS A 60 25.30 -36.97 31.42
CA HIS A 60 24.00 -36.73 32.03
C HIS A 60 23.14 -35.87 31.08
N SER A 61 21.93 -36.32 30.83
CA SER A 61 21.02 -35.58 30.00
C SER A 61 20.04 -34.75 30.84
N THR A 62 19.43 -33.76 30.19
CA THR A 62 18.37 -32.98 30.79
C THR A 62 17.02 -33.36 30.21
N ARG A 63 16.05 -33.58 31.09
CA ARG A 63 14.72 -34.00 30.66
C ARG A 63 13.73 -32.89 30.97
N LYS A 64 12.89 -32.58 30.00
CA LYS A 64 11.89 -31.53 30.09
C LYS A 64 10.51 -32.12 29.80
N GLU A 65 9.55 -31.83 30.66
CA GLU A 65 8.16 -32.21 30.43
C GLU A 65 7.29 -30.94 30.41
N GLU A 66 6.32 -30.92 29.53
CA GLU A 66 5.38 -29.80 29.49
C GLU A 66 4.04 -30.22 28.89
N LYS A 67 2.98 -30.11 29.67
CA LYS A 67 1.64 -30.32 29.14
C LYS A 67 1.31 -29.24 28.12
N GLN A 68 0.59 -29.65 27.08
CA GLN A 68 0.31 -28.80 25.96
C GLN A 68 -1.13 -28.30 25.97
N ARG A 69 -1.33 -27.09 25.41
CA ARG A 69 -2.66 -26.52 25.26
C ARG A 69 -3.63 -27.55 24.73
N ASN A 70 -3.11 -28.50 23.95
CA ASN A 70 -3.92 -29.55 23.33
C ASN A 70 -4.13 -30.83 24.16
N GLY A 71 -3.80 -30.78 25.46
CA GLY A 71 -3.93 -31.93 26.35
C GLY A 71 -2.82 -32.98 26.18
N THR A 72 -1.95 -32.72 25.20
CA THR A 72 -0.78 -33.52 24.93
C THR A 72 0.22 -33.39 26.07
N LEU A 73 1.08 -34.38 26.22
CA LEU A 73 2.29 -34.19 27.01
C LEU A 73 3.49 -34.25 26.09
N THR A 74 4.36 -33.27 26.18
CA THR A 74 5.58 -33.27 25.39
C THR A 74 6.80 -33.48 26.30
N VAL A 75 7.67 -34.40 25.93
CA VAL A 75 8.87 -34.71 26.72
C VAL A 75 10.13 -34.62 25.86
N THR A 76 11.17 -33.97 26.37
CA THR A 76 12.41 -33.91 25.62
C THR A 76 13.56 -34.29 26.50
N SER A 77 14.56 -34.94 25.90
CA SER A 77 15.83 -35.12 26.57
C SER A 77 16.94 -34.53 25.73
N THR A 78 17.75 -33.71 26.36
CA THR A 78 18.89 -33.15 25.68
C THR A 78 20.16 -33.74 26.22
N LEU A 79 20.94 -34.33 25.33
CA LEU A 79 22.17 -34.96 25.70
C LEU A 79 23.36 -34.19 25.14
N PRO A 80 24.25 -33.75 26.02
CA PRO A 80 25.55 -33.21 25.60
C PRO A 80 26.43 -34.32 25.04
N VAL A 81 27.04 -34.04 23.90
CA VAL A 81 27.92 -35.02 23.28
C VAL A 81 29.31 -34.41 23.04
N GLY A 82 30.32 -35.28 22.97
CA GLY A 82 31.69 -34.85 22.69
C GLY A 82 31.82 -34.34 21.27
N THR A 83 32.50 -33.22 21.11
CA THR A 83 32.69 -32.64 19.79
C THR A 83 33.47 -33.66 18.95
N ARG A 84 34.57 -34.15 19.50
CA ARG A 84 35.35 -35.17 18.82
C ARG A 84 34.49 -36.38 18.46
N ASP A 85 33.84 -36.94 19.47
CA ASP A 85 33.01 -38.11 19.24
C ASP A 85 32.01 -37.90 18.10
N TRP A 86 31.29 -36.77 18.11
CA TRP A 86 30.31 -36.54 17.06
C TRP A 86 30.93 -36.44 15.68
N ILE A 87 31.93 -35.57 15.57
CA ILE A 87 32.56 -35.26 14.30
C ILE A 87 33.28 -36.48 13.76
N GLU A 88 33.61 -37.40 14.65
CA GLU A 88 34.28 -38.64 14.28
C GLU A 88 33.26 -39.74 13.96
N GLY A 89 31.97 -39.42 14.03
CA GLY A 89 30.96 -40.37 13.58
C GLY A 89 30.29 -41.27 14.61
N GLU A 90 30.35 -40.89 15.89
CA GLU A 90 29.61 -41.68 16.85
C GLU A 90 28.13 -41.67 16.48
N THR A 91 27.46 -42.78 16.80
CA THR A 91 26.03 -42.88 16.62
C THR A 91 25.35 -42.94 17.98
N TYR A 92 24.27 -42.18 18.11
CA TYR A 92 23.62 -42.01 19.39
C TYR A 92 22.17 -42.44 19.25
N GLN A 93 21.69 -43.20 20.21
CA GLN A 93 20.30 -43.64 20.15
C GLN A 93 19.48 -43.15 21.33
N CYS A 94 18.27 -42.76 21.01
CA CYS A 94 17.27 -42.49 22.02
C CYS A 94 16.32 -43.68 22.04
N ARG A 95 16.08 -44.24 23.22
CA ARG A 95 15.11 -45.33 23.35
C ARG A 95 13.99 -44.85 24.25
N VAL A 96 12.76 -44.99 23.79
CA VAL A 96 11.61 -44.51 24.53
C VAL A 96 10.75 -45.65 25.03
N THR A 97 10.64 -45.72 26.35
CA THR A 97 9.97 -46.81 27.04
C THR A 97 8.68 -46.37 27.70
N HIS A 98 7.71 -47.29 27.74
CA HIS A 98 6.53 -47.09 28.59
C HIS A 98 5.63 -48.34 28.63
N PRO A 99 5.39 -48.89 29.82
CA PRO A 99 4.58 -50.09 30.11
C PRO A 99 3.19 -50.05 29.46
N HIS A 100 2.75 -48.82 29.17
CA HIS A 100 1.45 -48.56 28.59
C HIS A 100 1.59 -48.43 27.07
N LEU A 101 2.75 -48.79 26.55
CA LEU A 101 3.06 -48.56 25.14
C LEU A 101 3.53 -49.79 24.38
N PRO A 102 2.82 -50.12 23.29
CA PRO A 102 3.02 -51.34 22.52
C PRO A 102 4.49 -51.73 22.47
N ARG A 103 5.18 -51.29 21.43
CA ARG A 103 6.61 -51.54 21.29
C ARG A 103 7.37 -50.45 22.03
N ALA A 104 8.69 -50.47 21.91
CA ALA A 104 9.47 -49.33 22.35
C ALA A 104 9.91 -48.52 21.16
N LEU A 105 10.09 -47.21 21.36
CA LEU A 105 10.53 -46.33 20.30
C LEU A 105 12.03 -46.11 20.28
N MET A 106 12.63 -46.21 19.10
CA MET A 106 14.06 -45.99 18.96
C MET A 106 14.35 -45.06 17.80
N ARG A 107 14.96 -43.92 18.12
CA ARG A 107 15.56 -43.09 17.10
C ARG A 107 17.06 -43.11 17.28
N SER A 108 17.79 -43.00 16.19
CA SER A 108 19.23 -42.91 16.29
C SER A 108 19.69 -41.73 15.45
N THR A 109 20.86 -41.21 15.76
CA THR A 109 21.45 -40.12 15.00
C THR A 109 22.99 -40.23 14.93
N THR A 110 23.56 -39.77 13.83
CA THR A 110 25.00 -39.70 13.67
C THR A 110 25.28 -38.53 12.73
N LYS A 111 26.55 -38.11 12.65
CA LYS A 111 26.88 -37.02 11.74
C LYS A 111 26.43 -37.39 10.34
N THR A 112 25.94 -36.42 9.60
CA THR A 112 25.58 -36.63 8.19
C THR A 112 26.77 -36.97 7.29
N SER A 113 26.48 -37.61 6.16
CA SER A 113 27.55 -38.04 5.28
C SER A 113 27.53 -37.31 3.94
N GLY A 114 27.99 -38.01 2.91
CA GLY A 114 27.92 -37.49 1.57
C GLY A 114 28.74 -36.23 1.37
N PRO A 115 28.62 -35.66 0.16
CA PRO A 115 29.38 -34.45 -0.21
C PRO A 115 28.95 -33.19 0.56
N ARG A 116 29.90 -32.28 0.68
CA ARG A 116 29.71 -31.00 1.31
C ARG A 116 29.65 -29.88 0.27
N ALA A 117 28.99 -28.79 0.62
CA ALA A 117 28.96 -27.57 -0.20
C ALA A 117 28.60 -26.40 0.71
N ALA A 118 29.39 -25.34 0.63
CA ALA A 118 29.21 -24.21 1.51
C ALA A 118 28.02 -23.39 1.04
N PRO A 119 27.39 -22.67 1.98
CA PRO A 119 26.19 -21.86 1.72
C PRO A 119 26.48 -20.56 0.97
N GLU A 120 25.53 -20.14 0.14
CA GLU A 120 25.55 -18.78 -0.37
C GLU A 120 24.56 -18.00 0.44
N VAL A 121 24.97 -16.81 0.86
CA VAL A 121 24.19 -16.04 1.80
C VAL A 121 23.86 -14.71 1.14
N TYR A 122 22.58 -14.41 0.99
CA TYR A 122 22.16 -13.13 0.40
C TYR A 122 21.17 -12.47 1.34
N ALA A 123 21.39 -11.20 1.63
CA ALA A 123 20.55 -10.49 2.59
C ALA A 123 19.89 -9.28 1.93
N PHE A 124 18.65 -9.00 2.32
CA PHE A 124 17.82 -8.01 1.64
C PHE A 124 17.00 -7.20 2.63
N ALA A 125 16.77 -5.93 2.34
CA ALA A 125 15.89 -5.13 3.18
C ALA A 125 14.63 -4.85 2.40
N THR A 126 13.50 -4.88 3.07
CA THR A 126 12.29 -4.42 2.42
C THR A 126 12.33 -2.90 2.30
N PRO A 127 11.89 -2.40 1.13
CA PRO A 127 11.58 -0.98 0.95
C PRO A 127 10.49 -0.56 1.93
N GLU A 128 10.39 0.74 2.21
CA GLU A 128 9.35 1.26 3.09
C GLU A 128 7.95 1.00 2.53
N TRP A 129 7.16 0.24 3.28
CA TRP A 129 5.77 0.00 2.90
C TRP A 129 4.85 0.86 3.76
N PRO A 130 3.83 1.45 3.11
CA PRO A 130 2.82 2.29 3.76
C PRO A 130 2.31 1.68 5.08
N GLY A 131 1.75 2.53 5.94
CA GLY A 131 1.36 2.09 7.26
C GLY A 131 2.52 2.24 8.20
N SER A 132 3.00 1.12 8.75
CA SER A 132 4.18 1.17 9.60
C SER A 132 5.41 1.41 8.75
N ARG A 133 6.01 2.59 8.93
CA ARG A 133 7.23 2.96 8.23
C ARG A 133 8.34 2.98 9.26
N ASP A 134 7.93 2.75 10.50
CA ASP A 134 8.86 2.63 11.63
C ASP A 134 9.31 1.18 11.78
N LYS A 135 8.92 0.35 10.81
CA LYS A 135 9.35 -1.03 10.73
C LYS A 135 9.87 -1.36 9.34
N ARG A 136 10.88 -2.21 9.27
CA ARG A 136 11.28 -2.81 8.01
C ARG A 136 11.45 -4.30 8.25
N THR A 137 11.62 -5.04 7.17
CA THR A 137 11.91 -6.43 7.34
C THR A 137 13.20 -6.75 6.63
N LEU A 138 14.09 -7.40 7.36
CA LEU A 138 15.28 -7.95 6.74
C LEU A 138 15.03 -9.42 6.41
N ALA A 139 15.60 -9.88 5.33
CA ALA A 139 15.38 -11.25 4.91
C ALA A 139 16.69 -11.79 4.38
N CYS A 140 16.87 -13.09 4.52
CA CYS A 140 18.13 -13.69 4.13
C CYS A 140 17.87 -15.00 3.41
N LEU A 141 18.50 -15.16 2.25
CA LEU A 141 18.47 -16.41 1.53
C LEU A 141 19.83 -17.05 1.64
N ILE A 142 19.85 -18.23 2.23
CA ILE A 142 21.03 -19.05 2.29
C ILE A 142 20.72 -20.32 1.51
N GLN A 143 21.56 -20.62 0.52
CA GLN A 143 21.22 -21.69 -0.39
C GLN A 143 22.43 -22.40 -0.95
N ASN A 144 22.18 -23.61 -1.44
CA ASN A 144 23.19 -24.39 -2.15
C ASN A 144 24.23 -25.01 -1.24
N PHE A 145 23.88 -25.09 0.03
CA PHE A 145 24.69 -25.80 1.00
C PHE A 145 24.33 -27.29 1.06
N MET A 146 25.33 -28.12 1.37
CA MET A 146 25.07 -29.48 1.85
C MET A 146 26.17 -29.99 2.79
N PRO A 147 25.77 -30.81 3.78
CA PRO A 147 24.39 -31.25 4.02
C PRO A 147 23.45 -30.15 4.54
N GLU A 148 22.28 -30.56 4.98
CA GLU A 148 21.22 -29.62 5.35
C GLU A 148 21.37 -28.93 6.73
N ASP A 149 22.24 -29.45 7.58
CA ASP A 149 22.46 -28.87 8.90
C ASP A 149 23.06 -27.47 8.80
N ILE A 150 22.30 -26.48 9.24
CA ILE A 150 22.78 -25.12 9.19
C ILE A 150 22.24 -24.30 10.37
N SER A 151 23.06 -23.37 10.86
CA SER A 151 22.61 -22.42 11.87
C SER A 151 22.53 -21.05 11.22
N VAL A 152 21.47 -20.31 11.53
CA VAL A 152 21.36 -18.93 11.08
C VAL A 152 21.24 -17.97 12.26
N GLN A 153 21.94 -16.86 12.17
CA GLN A 153 21.80 -15.83 13.18
C GLN A 153 21.89 -14.45 12.59
N TRP A 154 21.35 -13.48 13.32
CA TRP A 154 21.41 -12.11 12.89
C TRP A 154 22.18 -11.31 13.92
N LEU A 155 22.99 -10.38 13.41
CA LEU A 155 23.75 -9.49 14.26
C LEU A 155 23.35 -8.06 13.91
N HIS A 156 23.36 -7.20 14.91
CA HIS A 156 23.23 -5.79 14.70
C HIS A 156 24.45 -5.22 15.35
N ASN A 157 25.22 -4.41 14.61
CA ASN A 157 26.40 -3.81 15.18
C ASN A 157 27.36 -4.88 15.67
N GLU A 158 27.44 -5.96 14.91
CA GLU A 158 28.40 -7.04 15.18
C GLU A 158 28.08 -7.81 16.47
N VAL A 159 26.88 -7.59 17.01
CA VAL A 159 26.48 -8.35 18.18
C VAL A 159 25.19 -9.15 17.93
N GLN A 160 25.23 -10.42 18.30
CA GLN A 160 24.18 -11.35 17.96
C GLN A 160 22.88 -11.04 18.65
N LEU A 161 21.80 -11.06 17.88
CA LEU A 161 20.48 -10.82 18.41
C LEU A 161 19.92 -12.11 19.00
N PRO A 162 18.92 -11.97 19.88
CA PRO A 162 18.24 -13.14 20.44
C PRO A 162 17.55 -13.91 19.31
N ASP A 163 17.66 -15.22 19.35
CA ASP A 163 17.14 -16.08 18.29
C ASP A 163 15.65 -15.89 18.01
N ALA A 164 14.91 -15.52 19.05
CA ALA A 164 13.48 -15.27 18.95
C ALA A 164 13.10 -14.05 18.07
N ARG A 165 14.08 -13.21 17.75
CA ARG A 165 13.84 -12.01 16.95
C ARG A 165 13.55 -12.37 15.50
N HIS A 166 14.03 -13.54 15.10
CA HIS A 166 13.95 -13.92 13.70
C HIS A 166 13.27 -15.29 13.49
N SER A 167 12.79 -15.50 12.27
CA SER A 167 12.21 -16.78 11.86
C SER A 167 13.12 -17.34 10.79
N THR A 168 13.47 -18.61 10.89
CA THR A 168 14.20 -19.25 9.80
C THR A 168 13.40 -20.46 9.28
N THR A 169 13.44 -20.68 7.97
CA THR A 169 12.68 -21.80 7.36
C THR A 169 13.40 -23.12 7.52
N GLN A 170 12.69 -24.21 7.29
CA GLN A 170 13.29 -25.52 7.28
C GLN A 170 14.01 -25.73 5.95
N PRO A 171 15.18 -26.38 5.99
CA PRO A 171 15.92 -26.62 4.76
C PRO A 171 15.07 -27.36 3.74
N ARG A 172 14.92 -26.75 2.57
CA ARG A 172 14.24 -27.39 1.44
C ARG A 172 15.30 -27.70 0.38
N LYS A 173 15.07 -28.76 -0.39
CA LYS A 173 15.94 -29.06 -1.52
C LYS A 173 15.82 -27.97 -2.55
N THR A 174 16.98 -27.51 -3.03
CA THR A 174 17.05 -26.68 -4.23
C THR A 174 16.77 -27.60 -5.40
N LYS A 175 16.59 -27.02 -6.58
CA LYS A 175 16.34 -27.82 -7.79
C LYS A 175 17.53 -28.74 -8.05
N GLY A 176 18.71 -28.33 -7.56
CA GLY A 176 19.91 -29.13 -7.68
C GLY A 176 20.12 -30.08 -6.50
N SER A 177 21.36 -30.15 -6.05
CA SER A 177 21.74 -31.10 -5.01
C SER A 177 21.71 -30.49 -3.61
N GLY A 178 21.79 -29.16 -3.55
CA GLY A 178 21.87 -28.46 -2.28
C GLY A 178 20.53 -28.14 -1.62
N PHE A 179 20.60 -27.31 -0.57
CA PHE A 179 19.42 -26.90 0.17
C PHE A 179 19.41 -25.40 0.26
N PHE A 180 18.26 -24.84 0.58
CA PHE A 180 18.18 -23.42 0.79
C PHE A 180 17.31 -23.19 2.02
N VAL A 181 17.36 -21.96 2.51
CA VAL A 181 16.70 -21.61 3.72
C VAL A 181 16.48 -20.12 3.70
N PHE A 182 15.36 -19.67 4.27
CA PHE A 182 15.09 -18.24 4.38
C PHE A 182 15.04 -17.84 5.84
N SER A 183 15.56 -16.65 6.12
CA SER A 183 15.40 -16.10 7.44
C SER A 183 14.81 -14.71 7.33
N ARG A 184 13.87 -14.45 8.25
CA ARG A 184 13.16 -13.20 8.34
C ARG A 184 13.42 -12.51 9.69
N LEU A 185 13.68 -11.21 9.64
CA LEU A 185 13.97 -10.45 10.83
C LEU A 185 13.31 -9.08 10.71
N GLU A 186 12.26 -8.87 11.50
CA GLU A 186 11.65 -7.56 11.53
C GLU A 186 12.52 -6.65 12.38
N VAL A 187 12.70 -5.41 11.95
CA VAL A 187 13.48 -4.43 12.72
C VAL A 187 12.69 -3.13 12.97
N THR A 188 13.21 -2.29 13.84
CA THR A 188 12.57 -1.01 14.14
C THR A 188 13.39 0.19 13.69
N ARG A 189 12.71 1.33 13.52
CA ARG A 189 13.38 2.56 13.12
C ARG A 189 14.49 2.87 14.12
N ALA A 190 14.15 2.73 15.39
CA ALA A 190 15.11 2.95 16.47
C ALA A 190 16.42 2.20 16.22
N GLU A 191 16.28 0.99 15.73
CA GLU A 191 17.44 0.13 15.53
C GLU A 191 18.29 0.52 14.35
N TRP A 192 17.67 0.64 13.18
CA TRP A 192 18.48 0.90 12.01
C TRP A 192 18.98 2.35 11.96
N GLU A 193 18.32 3.22 12.72
CA GLU A 193 18.75 4.61 12.76
C GLU A 193 19.99 4.81 13.60
N GLN A 194 20.07 4.11 14.73
CA GLN A 194 21.25 4.21 15.58
C GLN A 194 22.49 3.56 14.94
N LYS A 195 22.25 2.67 13.99
CA LYS A 195 23.30 2.10 13.14
C LYS A 195 22.64 1.16 12.12
N ASP A 196 22.82 1.47 10.85
CA ASP A 196 22.14 0.72 9.79
C ASP A 196 22.97 -0.49 9.36
N GLU A 197 23.45 -1.25 10.35
CA GLU A 197 24.31 -2.38 10.05
C GLU A 197 23.76 -3.68 10.61
N PHE A 198 23.34 -4.58 9.72
CA PHE A 198 22.87 -5.88 10.13
C PHE A 198 23.59 -6.96 9.34
N ILE A 199 23.75 -8.11 9.98
CA ILE A 199 24.41 -9.24 9.35
C ILE A 199 23.56 -10.45 9.49
N CYS A 200 23.32 -11.13 8.38
CA CYS A 200 22.81 -12.47 8.39
C CYS A 200 24.03 -13.39 8.37
N ARG A 201 24.16 -14.20 9.41
CA ARG A 201 25.26 -15.13 9.48
C ARG A 201 24.77 -16.57 9.46
N ALA A 202 25.43 -17.38 8.65
CA ALA A 202 25.20 -18.81 8.63
C ALA A 202 26.40 -19.60 9.22
N VAL A 203 26.08 -20.62 10.01
CA VAL A 203 27.09 -21.58 10.42
C VAL A 203 26.85 -22.93 9.74
N HIS A 204 27.85 -23.39 9.02
CA HIS A 204 27.73 -24.63 8.25
C HIS A 204 29.04 -25.38 8.14
N GLU A 205 28.99 -26.70 8.30
CA GLU A 205 30.23 -27.51 8.32
C GLU A 205 31.11 -27.31 7.08
N ALA A 206 30.50 -26.98 5.96
CA ALA A 206 31.24 -26.88 4.70
C ALA A 206 31.83 -25.49 4.47
N ALA A 207 31.43 -24.53 5.29
CA ALA A 207 31.95 -23.18 5.13
C ALA A 207 33.37 -23.11 5.68
N SER A 208 34.27 -22.61 4.85
CA SER A 208 35.66 -22.48 5.26
C SER A 208 36.12 -21.03 5.11
N PRO A 209 36.91 -20.55 6.07
CA PRO A 209 37.21 -21.37 7.24
C PRO A 209 36.23 -21.10 8.38
N SER A 210 36.47 -21.78 9.49
CA SER A 210 35.73 -21.52 10.72
C SER A 210 34.23 -21.63 10.56
N GLN A 211 33.78 -22.35 9.52
CA GLN A 211 32.38 -22.77 9.38
C GLN A 211 31.38 -21.62 9.37
N THR A 212 31.83 -20.45 8.92
CA THR A 212 30.97 -19.28 8.97
C THR A 212 30.96 -18.52 7.66
N VAL A 213 29.78 -18.11 7.27
CA VAL A 213 29.56 -17.25 6.11
C VAL A 213 28.52 -16.24 6.53
N GLN A 214 28.78 -14.98 6.24
CA GLN A 214 27.79 -13.98 6.57
C GLN A 214 27.71 -12.94 5.48
N ARG A 215 26.66 -12.12 5.56
CA ARG A 215 26.38 -11.11 4.57
C ARG A 215 25.79 -9.91 5.29
N ALA A 216 26.25 -8.72 4.94
CA ALA A 216 25.70 -7.52 5.55
C ALA A 216 24.54 -6.97 4.73
N VAL A 217 23.67 -6.26 5.42
CA VAL A 217 22.57 -5.59 4.76
C VAL A 217 22.14 -4.40 5.61
N SER A 218 21.76 -3.31 4.94
CA SER A 218 21.26 -2.14 5.63
C SER A 218 19.86 -1.84 5.11
N VAL A 219 19.08 -1.06 5.84
CA VAL A 219 17.83 -0.59 5.27
C VAL A 219 18.00 0.37 4.08
N ASN A 220 19.06 1.19 4.09
CA ASN A 220 19.35 2.12 3.00
C ASN A 220 20.63 1.75 2.22
N PRO A 221 20.60 1.94 0.88
CA PRO A 221 21.71 1.50 0.01
C PRO A 221 22.88 2.49 -0.14
N PRO B 9 6.65 -46.91 15.32
CA PRO B 9 5.21 -46.79 15.17
C PRO B 9 4.82 -46.46 13.73
N ARG B 10 3.56 -46.09 13.52
CA ARG B 10 3.05 -45.69 12.20
C ARG B 10 1.65 -45.11 12.37
N CYS B 11 1.49 -43.83 12.04
CA CYS B 11 0.24 -43.12 12.37
C CYS B 11 -0.60 -42.70 11.15
N VAL B 12 -1.67 -43.44 10.83
CA VAL B 12 -2.58 -42.96 9.78
C VAL B 12 -3.16 -41.61 10.20
N SER B 13 -2.87 -40.59 9.40
CA SER B 13 -3.40 -39.26 9.68
C SER B 13 -4.05 -38.64 8.44
N ALA B 14 -4.99 -37.73 8.67
CA ALA B 14 -5.76 -37.17 7.58
C ALA B 14 -5.72 -35.65 7.59
N TYR B 15 -5.64 -35.05 6.39
CA TYR B 15 -5.51 -33.61 6.25
C TYR B 15 -6.54 -33.05 5.26
N LEU B 16 -7.25 -32.01 5.69
CA LEU B 16 -8.29 -31.42 4.86
C LEU B 16 -7.96 -29.96 4.55
N SER B 17 -7.79 -29.68 3.27
CA SER B 17 -7.32 -28.38 2.80
C SER B 17 -8.45 -27.48 2.33
N ARG B 18 -8.28 -26.18 2.54
CA ARG B 18 -9.16 -25.18 1.96
C ARG B 18 -8.77 -24.94 0.49
N PRO B 19 -9.66 -24.32 -0.29
CA PRO B 19 -9.34 -24.08 -1.70
C PRO B 19 -8.20 -23.09 -1.86
N SER B 20 -7.38 -23.27 -2.90
CA SER B 20 -6.35 -22.29 -3.19
C SER B 20 -6.99 -20.97 -3.59
N PRO B 21 -6.49 -19.86 -3.03
CA PRO B 21 -7.07 -18.56 -3.39
C PRO B 21 -7.04 -18.30 -4.91
N PHE B 22 -6.02 -18.82 -5.57
CA PHE B 22 -5.99 -18.81 -7.03
C PHE B 22 -7.21 -19.54 -7.62
N ASP B 23 -7.40 -20.81 -7.24
CA ASP B 23 -8.51 -21.60 -7.77
C ASP B 23 -9.79 -20.89 -7.46
N LEU B 24 -9.86 -20.33 -6.26
CA LEU B 24 -11.08 -19.78 -5.73
C LEU B 24 -11.46 -18.47 -6.39
N PHE B 25 -10.48 -17.57 -6.52
CA PHE B 25 -10.77 -16.21 -7.00
C PHE B 25 -10.42 -16.01 -8.47
N ILE B 26 -9.39 -16.72 -8.94
CA ILE B 26 -8.93 -16.52 -10.30
C ILE B 26 -9.58 -17.49 -11.29
N ARG B 27 -9.34 -18.78 -11.10
CA ARG B 27 -9.99 -19.77 -11.96
C ARG B 27 -11.47 -19.92 -11.61
N LYS B 28 -11.88 -19.37 -10.47
CA LYS B 28 -13.26 -19.56 -9.97
C LYS B 28 -13.74 -21.01 -10.12
N SER B 29 -12.83 -21.96 -9.91
CA SER B 29 -13.20 -23.36 -9.75
C SER B 29 -12.44 -23.95 -8.57
N PRO B 30 -12.92 -23.63 -7.37
CA PRO B 30 -12.26 -24.09 -6.15
C PRO B 30 -12.50 -25.58 -5.89
N THR B 31 -11.54 -26.19 -5.22
CA THR B 31 -11.65 -27.56 -4.77
C THR B 31 -11.05 -27.66 -3.38
N ILE B 32 -11.49 -28.66 -2.63
CA ILE B 32 -10.81 -29.01 -1.40
C ILE B 32 -10.24 -30.42 -1.50
N THR B 33 -9.21 -30.70 -0.73
CA THR B 33 -8.57 -32.00 -0.79
C THR B 33 -8.44 -32.63 0.58
N CYS B 34 -8.88 -33.89 0.68
CA CYS B 34 -8.67 -34.69 1.86
C CYS B 34 -7.48 -35.61 1.55
N LEU B 35 -6.44 -35.52 2.36
CA LEU B 35 -5.26 -36.35 2.17
C LEU B 35 -5.10 -37.34 3.32
N VAL B 36 -4.99 -38.62 3.01
CA VAL B 36 -4.77 -39.62 4.04
C VAL B 36 -3.42 -40.29 3.84
N VAL B 37 -2.59 -40.25 4.89
CA VAL B 37 -1.21 -40.72 4.83
C VAL B 37 -0.97 -41.93 5.72
N ASP B 38 0.11 -42.65 5.43
CA ASP B 38 0.57 -43.74 6.27
C ASP B 38 -0.40 -44.90 6.31
N LEU B 39 -0.98 -45.22 5.17
CA LEU B 39 -1.83 -46.39 5.10
C LEU B 39 -1.00 -47.64 4.81
N ALA B 40 -1.51 -48.78 5.25
CA ALA B 40 -0.91 -50.07 4.94
C ALA B 40 -1.51 -50.59 3.64
N PRO B 41 -0.69 -50.68 2.59
CA PRO B 41 -1.20 -51.12 1.29
C PRO B 41 -1.98 -52.44 1.37
N SER B 42 -2.89 -52.64 0.43
CA SER B 42 -3.66 -53.88 0.31
C SER B 42 -4.24 -54.36 1.63
N LYS B 43 -4.63 -53.42 2.49
CA LYS B 43 -5.41 -53.78 3.68
C LYS B 43 -6.87 -53.50 3.37
N GLY B 44 -7.26 -53.77 2.13
CA GLY B 44 -8.58 -53.39 1.64
C GLY B 44 -8.58 -51.91 1.36
N THR B 45 -9.68 -51.42 0.82
CA THR B 45 -9.75 -50.01 0.44
C THR B 45 -10.25 -49.10 1.58
N VAL B 46 -9.73 -47.87 1.57
CA VAL B 46 -10.19 -46.83 2.49
C VAL B 46 -11.36 -46.08 1.87
N ASN B 47 -12.43 -45.85 2.63
CA ASN B 47 -13.50 -45.02 2.11
C ASN B 47 -13.24 -43.56 2.50
N LEU B 48 -13.34 -42.66 1.53
CA LEU B 48 -13.35 -41.22 1.80
C LEU B 48 -14.69 -40.68 1.41
N THR B 49 -15.43 -40.18 2.38
CA THR B 49 -16.77 -39.70 2.14
C THR B 49 -16.88 -38.20 2.42
N TRP B 50 -17.43 -37.50 1.44
CA TRP B 50 -17.65 -36.08 1.54
C TRP B 50 -19.07 -35.77 1.99
N SER B 51 -19.23 -34.70 2.75
CA SER B 51 -20.54 -34.26 3.14
C SER B 51 -20.53 -32.77 3.43
N ARG B 52 -21.71 -32.15 3.41
CA ARG B 52 -21.82 -30.74 3.71
C ARG B 52 -22.61 -30.59 5.01
N ALA B 53 -22.26 -29.62 5.84
CA ALA B 53 -22.97 -29.38 7.11
C ALA B 53 -24.42 -29.02 6.87
N SER B 54 -24.70 -28.34 5.75
CA SER B 54 -26.06 -27.97 5.36
C SER B 54 -26.82 -29.18 4.82
N GLY B 55 -26.09 -30.24 4.48
CA GLY B 55 -26.72 -31.45 4.00
C GLY B 55 -27.02 -31.41 2.52
N LYS B 56 -26.70 -30.30 1.86
CA LYS B 56 -26.86 -30.19 0.43
C LYS B 56 -25.89 -31.15 -0.27
N PRO B 57 -26.15 -31.48 -1.54
CA PRO B 57 -25.35 -32.47 -2.28
C PRO B 57 -23.92 -32.02 -2.54
N VAL B 58 -23.00 -32.99 -2.55
CA VAL B 58 -21.62 -32.74 -2.94
C VAL B 58 -21.39 -33.22 -4.38
N ASN B 59 -20.49 -32.54 -5.09
CA ASN B 59 -20.11 -32.92 -6.46
C ASN B 59 -19.43 -34.28 -6.48
N HIS B 60 -19.16 -34.78 -7.67
CA HIS B 60 -18.33 -35.96 -7.81
C HIS B 60 -16.88 -35.58 -7.47
N SER B 61 -16.26 -36.36 -6.59
CA SER B 61 -14.87 -36.13 -6.24
C SER B 61 -13.92 -37.07 -7.01
N THR B 62 -12.66 -36.66 -7.09
CA THR B 62 -11.63 -37.50 -7.68
C THR B 62 -10.79 -38.12 -6.59
N ARG B 63 -10.55 -39.43 -6.72
CA ARG B 63 -9.74 -40.14 -5.75
C ARG B 63 -8.42 -40.61 -6.36
N LYS B 64 -7.34 -40.41 -5.62
CA LYS B 64 -6.00 -40.76 -6.10
C LYS B 64 -5.33 -41.65 -5.07
N GLU B 65 -4.75 -42.76 -5.53
CA GLU B 65 -3.99 -43.63 -4.63
C GLU B 65 -2.60 -43.75 -5.19
N GLU B 66 -1.59 -43.75 -4.31
CA GLU B 66 -0.21 -43.96 -4.74
C GLU B 66 0.63 -44.56 -3.62
N LYS B 67 1.19 -45.75 -3.86
CA LYS B 67 2.15 -46.34 -2.92
C LYS B 67 3.40 -45.44 -2.94
N GLN B 68 4.00 -45.15 -1.80
CA GLN B 68 5.12 -44.19 -1.79
C GLN B 68 6.43 -44.95 -1.71
N ARG B 69 7.53 -44.30 -2.07
CA ARG B 69 8.83 -44.97 -2.06
C ARG B 69 9.25 -45.35 -0.62
N ASN B 70 8.43 -44.98 0.35
CA ASN B 70 8.63 -45.41 1.74
C ASN B 70 7.73 -46.57 2.21
N GLY B 71 6.95 -47.17 1.32
CA GLY B 71 6.07 -48.27 1.70
C GLY B 71 4.71 -47.82 2.20
N THR B 72 4.48 -46.51 2.20
CA THR B 72 3.23 -45.95 2.66
C THR B 72 2.20 -45.85 1.52
N LEU B 73 0.94 -46.12 1.83
CA LEU B 73 -0.09 -45.83 0.84
C LEU B 73 -0.63 -44.46 1.12
N THR B 74 -0.66 -43.62 0.09
CA THR B 74 -1.27 -42.30 0.20
C THR B 74 -2.54 -42.21 -0.65
N VAL B 75 -3.61 -41.68 -0.05
CA VAL B 75 -4.88 -41.55 -0.71
C VAL B 75 -5.37 -40.11 -0.61
N THR B 76 -5.86 -39.57 -1.71
CA THR B 76 -6.44 -38.24 -1.71
C THR B 76 -7.78 -38.21 -2.42
N SER B 77 -8.68 -37.37 -1.91
CA SER B 77 -9.91 -37.06 -2.62
C SER B 77 -9.99 -35.56 -2.81
N THR B 78 -10.20 -35.17 -4.06
CA THR B 78 -10.40 -33.76 -4.37
C THR B 78 -11.86 -33.50 -4.73
N LEU B 79 -12.47 -32.57 -4.00
CA LEU B 79 -13.87 -32.26 -4.20
C LEU B 79 -14.02 -30.86 -4.72
N PRO B 80 -14.63 -30.73 -5.90
CA PRO B 80 -15.00 -29.42 -6.43
C PRO B 80 -16.11 -28.84 -5.58
N VAL B 81 -15.98 -27.56 -5.23
CA VAL B 81 -17.02 -26.90 -4.46
C VAL B 81 -17.50 -25.64 -5.16
N GLY B 82 -18.74 -25.23 -4.87
CA GLY B 82 -19.32 -24.01 -5.40
C GLY B 82 -18.62 -22.78 -4.85
N THR B 83 -18.29 -21.84 -5.72
CA THR B 83 -17.63 -20.62 -5.30
C THR B 83 -18.52 -19.90 -4.30
N ARG B 84 -19.80 -19.78 -4.64
CA ARG B 84 -20.75 -19.11 -3.78
C ARG B 84 -20.86 -19.81 -2.45
N ASP B 85 -21.11 -21.12 -2.52
CA ASP B 85 -21.20 -21.94 -1.31
C ASP B 85 -20.00 -21.75 -0.39
N TRP B 86 -18.78 -21.79 -0.94
CA TRP B 86 -17.61 -21.67 -0.10
C TRP B 86 -17.53 -20.32 0.58
N ILE B 87 -17.64 -19.29 -0.25
CA ILE B 87 -17.43 -17.90 0.16
C ILE B 87 -18.54 -17.49 1.11
N GLU B 88 -19.65 -18.21 1.02
CA GLU B 88 -20.78 -17.98 1.90
C GLU B 88 -20.67 -18.80 3.18
N GLY B 89 -19.61 -19.60 3.29
CA GLY B 89 -19.33 -20.29 4.54
C GLY B 89 -19.89 -21.68 4.71
N GLU B 90 -20.12 -22.39 3.61
CA GLU B 90 -20.45 -23.79 3.75
C GLU B 90 -19.31 -24.51 4.46
N THR B 91 -19.66 -25.54 5.21
CA THR B 91 -18.70 -26.39 5.88
C THR B 91 -18.72 -27.76 5.24
N TYR B 92 -17.53 -28.27 4.99
CA TYR B 92 -17.39 -29.51 4.25
C TYR B 92 -16.64 -30.49 5.13
N GLN B 93 -17.07 -31.74 5.15
CA GLN B 93 -16.39 -32.74 5.95
C GLN B 93 -15.92 -33.92 5.11
N CYS B 94 -14.70 -34.35 5.41
CA CYS B 94 -14.16 -35.60 4.91
C CYS B 94 -14.29 -36.65 6.00
N ARG B 95 -14.92 -37.78 5.69
CA ARG B 95 -14.96 -38.87 6.63
C ARG B 95 -14.15 -40.04 6.08
N VAL B 96 -13.25 -40.56 6.90
CA VAL B 96 -12.39 -41.68 6.49
C VAL B 96 -12.70 -42.99 7.19
N THR B 97 -13.15 -43.97 6.40
CA THR B 97 -13.61 -45.26 6.89
C THR B 97 -12.52 -46.29 6.62
N HIS B 98 -12.02 -46.94 7.68
CA HIS B 98 -11.00 -47.99 7.54
C HIS B 98 -10.82 -49.00 8.71
N PRO B 99 -10.65 -50.28 8.35
CA PRO B 99 -10.40 -51.43 9.23
C PRO B 99 -9.32 -51.23 10.30
N HIS B 100 -8.08 -50.91 9.91
CA HIS B 100 -6.98 -50.78 10.88
C HIS B 100 -7.12 -49.53 11.79
N LEU B 101 -8.28 -48.86 11.70
CA LEU B 101 -8.54 -47.65 12.48
C LEU B 101 -9.72 -47.83 13.42
N PRO B 102 -9.45 -47.91 14.72
CA PRO B 102 -10.51 -47.99 15.73
C PRO B 102 -11.62 -47.00 15.45
N ARG B 103 -11.30 -45.71 15.50
CA ARG B 103 -12.29 -44.66 15.27
C ARG B 103 -12.21 -44.13 13.84
N ALA B 104 -13.36 -43.92 13.19
CA ALA B 104 -13.35 -43.31 11.87
C ALA B 104 -12.74 -41.92 11.95
N LEU B 105 -12.11 -41.48 10.87
CA LEU B 105 -11.48 -40.16 10.83
C LEU B 105 -12.35 -39.10 10.19
N MET B 106 -12.42 -37.94 10.83
CA MET B 106 -13.24 -36.85 10.32
C MET B 106 -12.48 -35.54 10.35
N ARG B 107 -12.29 -34.95 9.18
CA ARG B 107 -11.80 -33.60 9.11
C ARG B 107 -12.91 -32.74 8.52
N SER B 108 -12.93 -31.48 8.91
CA SER B 108 -13.91 -30.56 8.34
C SER B 108 -13.20 -29.27 7.99
N THR B 109 -13.78 -28.55 7.04
CA THR B 109 -13.21 -27.30 6.59
C THR B 109 -14.31 -26.30 6.21
N THR B 110 -14.01 -25.03 6.44
CA THR B 110 -14.90 -23.94 6.04
C THR B 110 -14.04 -22.71 5.79
N LYS B 111 -14.61 -21.72 5.11
CA LYS B 111 -13.84 -20.51 4.86
C LYS B 111 -13.36 -19.96 6.16
N THR B 112 -12.19 -19.35 6.15
CA THR B 112 -11.71 -18.79 7.39
C THR B 112 -12.45 -17.48 7.65
N SER B 113 -12.52 -17.10 8.92
CA SER B 113 -13.11 -15.82 9.29
C SER B 113 -12.35 -15.17 10.42
N GLY B 114 -12.14 -13.87 10.30
CA GLY B 114 -11.41 -13.10 11.29
C GLY B 114 -10.94 -11.83 10.61
N PRO B 115 -10.00 -11.10 11.24
CA PRO B 115 -9.42 -9.93 10.58
C PRO B 115 -8.83 -10.28 9.20
N ARG B 116 -9.10 -9.45 8.22
CA ARG B 116 -8.47 -9.55 6.92
C ARG B 116 -7.29 -8.53 6.85
N ALA B 117 -6.29 -8.82 6.01
CA ALA B 117 -5.18 -7.89 5.78
C ALA B 117 -4.45 -8.31 4.52
N ALA B 118 -4.31 -7.36 3.60
CA ALA B 118 -3.71 -7.69 2.33
C ALA B 118 -2.20 -7.87 2.47
N PRO B 119 -1.61 -8.67 1.57
CA PRO B 119 -0.18 -9.00 1.58
C PRO B 119 0.70 -7.87 1.08
N GLU B 120 1.89 -7.78 1.67
CA GLU B 120 2.94 -6.94 1.11
C GLU B 120 3.84 -7.87 0.32
N VAL B 121 4.20 -7.44 -0.88
CA VAL B 121 4.95 -8.30 -1.78
C VAL B 121 6.26 -7.60 -2.10
N TYR B 122 7.36 -8.26 -1.79
CA TYR B 122 8.67 -7.71 -2.12
C TYR B 122 9.46 -8.77 -2.87
N ALA B 123 10.05 -8.37 -4.00
CA ALA B 123 10.79 -9.29 -4.86
C ALA B 123 12.26 -8.88 -4.98
N PHE B 124 13.14 -9.87 -5.06
CA PHE B 124 14.58 -9.60 -5.00
C PHE B 124 15.35 -10.54 -5.94
N ALA B 125 16.42 -10.03 -6.53
CA ALA B 125 17.29 -10.86 -7.35
C ALA B 125 18.62 -11.05 -6.62
N THR B 126 19.17 -12.24 -6.68
CA THR B 126 20.50 -12.44 -6.15
C THR B 126 21.51 -11.84 -7.09
N PRO B 127 22.53 -11.18 -6.50
CA PRO B 127 23.71 -10.72 -7.25
C PRO B 127 24.41 -11.93 -7.83
N GLU B 128 25.24 -11.71 -8.84
CA GLU B 128 25.98 -12.80 -9.47
C GLU B 128 26.95 -13.45 -8.50
N TRP B 129 26.75 -14.74 -8.24
CA TRP B 129 27.66 -15.48 -7.37
C TRP B 129 28.56 -16.36 -8.21
N PRO B 130 29.85 -16.39 -7.86
CA PRO B 130 30.88 -17.19 -8.53
C PRO B 130 30.41 -18.60 -8.82
N GLY B 131 31.05 -19.25 -9.78
CA GLY B 131 30.60 -20.56 -10.24
C GLY B 131 29.58 -20.39 -11.34
N SER B 132 28.36 -20.84 -11.10
CA SER B 132 27.30 -20.64 -12.07
C SER B 132 26.91 -19.17 -12.08
N ARG B 133 27.27 -18.49 -13.16
CA ARG B 133 26.85 -17.12 -13.35
C ARG B 133 25.81 -17.10 -14.46
N ASP B 134 25.48 -18.29 -14.96
CA ASP B 134 24.39 -18.45 -15.92
C ASP B 134 23.09 -18.74 -15.19
N LYS B 135 23.13 -18.60 -13.87
CA LYS B 135 21.95 -18.76 -13.04
C LYS B 135 21.84 -17.59 -12.07
N ARG B 136 20.61 -17.15 -11.80
CA ARG B 136 20.36 -16.28 -10.66
C ARG B 136 19.20 -16.84 -9.86
N THR B 137 18.96 -16.26 -8.70
CA THR B 137 17.81 -16.68 -7.95
C THR B 137 16.96 -15.47 -7.66
N LEU B 138 15.70 -15.59 -8.03
CA LEU B 138 14.73 -14.62 -7.62
C LEU B 138 14.09 -15.11 -6.32
N ALA B 139 13.75 -14.16 -5.46
CA ALA B 139 13.12 -14.48 -4.20
C ALA B 139 12.02 -13.48 -3.93
N CYS B 140 11.00 -13.92 -3.21
CA CYS B 140 9.89 -13.05 -2.93
C CYS B 140 9.49 -13.20 -1.48
N LEU B 141 9.35 -12.07 -0.80
CA LEU B 141 8.75 -12.05 0.51
C LEU B 141 7.36 -11.43 0.41
N ILE B 142 6.38 -12.24 0.79
CA ILE B 142 5.00 -11.79 0.96
C ILE B 142 4.66 -11.88 2.43
N GLN B 143 4.17 -10.80 3.02
CA GLN B 143 4.00 -10.76 4.45
C GLN B 143 2.86 -9.87 4.90
N ASN B 144 2.45 -10.08 6.14
CA ASN B 144 1.49 -9.23 6.83
C ASN B 144 0.08 -9.37 6.31
N PHE B 145 -0.17 -10.51 5.66
CA PHE B 145 -1.50 -10.83 5.20
C PHE B 145 -2.21 -11.66 6.26
N MET B 146 -3.54 -11.52 6.29
CA MET B 146 -4.41 -12.46 7.00
C MET B 146 -5.79 -12.53 6.34
N PRO B 147 -6.41 -13.72 6.35
CA PRO B 147 -5.83 -14.95 6.94
C PRO B 147 -4.69 -15.56 6.12
N GLU B 148 -4.27 -16.77 6.46
CA GLU B 148 -3.03 -17.35 5.95
C GLU B 148 -3.14 -17.94 4.54
N ASP B 149 -4.37 -18.12 4.06
CA ASP B 149 -4.60 -18.67 2.71
C ASP B 149 -4.06 -17.74 1.62
N ILE B 150 -3.04 -18.20 0.91
CA ILE B 150 -2.43 -17.39 -0.14
C ILE B 150 -1.94 -18.23 -1.32
N SER B 151 -2.03 -17.65 -2.50
CA SER B 151 -1.44 -18.29 -3.67
C SER B 151 -0.28 -17.44 -4.14
N VAL B 152 0.82 -18.08 -4.50
CA VAL B 152 1.96 -17.38 -5.07
C VAL B 152 2.28 -17.91 -6.46
N GLN B 153 2.54 -17.00 -7.39
CA GLN B 153 2.99 -17.43 -8.68
C GLN B 153 4.06 -16.50 -9.25
N TRP B 154 4.84 -17.03 -10.17
CA TRP B 154 5.80 -16.20 -10.87
C TRP B 154 5.44 -16.06 -12.35
N LEU B 155 5.66 -14.86 -12.87
CA LEU B 155 5.45 -14.58 -14.27
C LEU B 155 6.76 -14.12 -14.89
N HIS B 156 6.98 -14.51 -16.13
CA HIS B 156 8.07 -13.95 -16.92
C HIS B 156 7.39 -13.38 -18.14
N ASN B 157 7.65 -12.11 -18.45
CA ASN B 157 7.02 -11.54 -19.62
C ASN B 157 5.51 -11.61 -19.53
N GLU B 158 5.00 -11.49 -18.30
CA GLU B 158 3.56 -11.41 -18.07
C GLU B 158 2.87 -12.74 -18.32
N VAL B 159 3.63 -13.81 -18.42
CA VAL B 159 3.01 -15.12 -18.55
C VAL B 159 3.45 -16.05 -17.43
N GLN B 160 2.47 -16.70 -16.81
CA GLN B 160 2.72 -17.49 -15.63
C GLN B 160 3.58 -18.70 -15.90
N LEU B 161 4.58 -18.89 -15.04
CA LEU B 161 5.46 -20.05 -15.13
C LEU B 161 4.80 -21.25 -14.49
N PRO B 162 5.30 -22.45 -14.83
CA PRO B 162 4.86 -23.69 -14.17
C PRO B 162 5.19 -23.64 -12.67
N ASP B 163 4.23 -24.06 -11.86
CA ASP B 163 4.36 -23.98 -10.41
C ASP B 163 5.61 -24.71 -9.90
N ALA B 164 6.03 -25.73 -10.64
CA ALA B 164 7.19 -26.53 -10.28
C ALA B 164 8.52 -25.79 -10.36
N ARG B 165 8.51 -24.66 -11.08
CA ARG B 165 9.69 -23.85 -11.22
C ARG B 165 10.11 -23.15 -9.92
N HIS B 166 9.17 -23.00 -8.99
CA HIS B 166 9.45 -22.26 -7.78
C HIS B 166 9.11 -23.04 -6.54
N SER B 167 9.68 -22.60 -5.42
CA SER B 167 9.40 -23.15 -4.09
C SER B 167 8.76 -22.05 -3.30
N THR B 168 7.68 -22.35 -2.60
CA THR B 168 7.09 -21.38 -1.69
C THR B 168 7.01 -21.97 -0.27
N THR B 169 7.35 -21.16 0.73
CA THR B 169 7.27 -21.61 2.13
C THR B 169 5.83 -21.74 2.64
N GLN B 170 5.68 -22.39 3.79
CA GLN B 170 4.41 -22.44 4.48
C GLN B 170 4.22 -21.17 5.29
N PRO B 171 2.98 -20.65 5.31
CA PRO B 171 2.74 -19.41 6.06
C PRO B 171 3.19 -19.55 7.51
N ARG B 172 4.02 -18.62 7.96
CA ARG B 172 4.43 -18.55 9.34
C ARG B 172 3.86 -17.26 9.90
N LYS B 173 3.57 -17.25 11.19
CA LYS B 173 3.18 -16.03 11.87
C LYS B 173 4.31 -15.00 11.88
N THR B 174 3.97 -13.76 11.52
CA THR B 174 4.85 -12.63 11.72
C THR B 174 4.85 -12.36 13.22
N LYS B 175 5.74 -11.48 13.68
CA LYS B 175 5.78 -11.12 15.09
C LYS B 175 4.46 -10.49 15.49
N GLY B 176 3.77 -9.90 14.52
CA GLY B 176 2.46 -9.29 14.73
C GLY B 176 1.31 -10.25 14.52
N SER B 177 0.26 -9.77 13.86
CA SER B 177 -0.96 -10.56 13.68
C SER B 177 -0.98 -11.31 12.35
N GLY B 178 -0.18 -10.84 11.40
CA GLY B 178 -0.19 -11.39 10.06
C GLY B 178 0.70 -12.61 9.84
N PHE B 179 0.82 -13.01 8.57
CA PHE B 179 1.66 -14.12 8.16
C PHE B 179 2.62 -13.68 7.08
N PHE B 180 3.64 -14.48 6.86
CA PHE B 180 4.56 -14.18 5.79
C PHE B 180 4.93 -15.48 5.10
N VAL B 181 5.54 -15.32 3.94
CA VAL B 181 5.84 -16.47 3.11
C VAL B 181 6.97 -16.07 2.20
N PHE B 182 7.83 -17.03 1.86
CA PHE B 182 8.94 -16.78 0.94
C PHE B 182 8.77 -17.63 -0.29
N SER B 183 9.07 -17.05 -1.44
CA SER B 183 9.12 -17.85 -2.64
C SER B 183 10.48 -17.70 -3.32
N ARG B 184 10.93 -18.82 -3.86
CA ARG B 184 12.24 -18.89 -4.47
C ARG B 184 12.10 -19.40 -5.89
N LEU B 185 12.73 -18.70 -6.83
CA LEU B 185 12.64 -19.05 -8.23
C LEU B 185 14.01 -18.94 -8.87
N GLU B 186 14.63 -20.08 -9.15
CA GLU B 186 15.89 -20.06 -9.89
C GLU B 186 15.61 -19.75 -11.35
N VAL B 187 16.44 -18.90 -11.95
CA VAL B 187 16.29 -18.57 -13.37
C VAL B 187 17.59 -18.79 -14.15
N THR B 188 17.50 -18.75 -15.48
CA THR B 188 18.68 -18.96 -16.33
C THR B 188 19.04 -17.70 -17.09
N ARG B 189 20.29 -17.63 -17.54
CA ARG B 189 20.75 -16.48 -18.34
C ARG B 189 19.87 -16.32 -19.57
N ALA B 190 19.58 -17.44 -20.23
CA ALA B 190 18.74 -17.46 -21.40
C ALA B 190 17.43 -16.70 -21.13
N GLU B 191 16.88 -16.90 -19.94
CA GLU B 191 15.60 -16.29 -19.63
C GLU B 191 15.67 -14.79 -19.39
N TRP B 192 16.54 -14.36 -18.48
CA TRP B 192 16.53 -12.95 -18.12
C TRP B 192 17.14 -12.11 -19.22
N GLU B 193 17.91 -12.75 -20.10
CA GLU B 193 18.52 -12.01 -21.20
C GLU B 193 17.52 -11.70 -22.30
N GLN B 194 16.64 -12.66 -22.60
CA GLN B 194 15.61 -12.43 -23.61
C GLN B 194 14.55 -11.44 -23.14
N LYS B 195 14.49 -11.24 -21.83
CA LYS B 195 13.67 -10.19 -21.22
C LYS B 195 13.87 -10.25 -19.72
N ASP B 196 14.33 -9.15 -19.14
CA ASP B 196 14.66 -9.16 -17.73
C ASP B 196 13.45 -8.74 -16.89
N GLU B 197 12.31 -9.37 -17.15
CA GLU B 197 11.08 -9.00 -16.48
C GLU B 197 10.44 -10.20 -15.80
N PHE B 198 10.46 -10.17 -14.46
CA PHE B 198 9.80 -11.20 -13.67
C PHE B 198 8.88 -10.57 -12.65
N ILE B 199 7.77 -11.25 -12.39
CA ILE B 199 6.79 -10.79 -11.42
C ILE B 199 6.50 -11.88 -10.42
N CYS B 200 6.56 -11.51 -9.15
CA CYS B 200 6.05 -12.33 -8.08
C CYS B 200 4.61 -11.87 -7.81
N ARG B 201 3.67 -12.78 -8.03
CA ARG B 201 2.28 -12.43 -7.82
C ARG B 201 1.71 -13.23 -6.66
N ALA B 202 0.99 -12.55 -5.77
CA ALA B 202 0.19 -13.22 -4.76
C ALA B 202 -1.31 -13.09 -5.03
N VAL B 203 -2.04 -14.18 -4.78
CA VAL B 203 -3.49 -14.14 -4.73
C VAL B 203 -3.98 -14.31 -3.29
N HIS B 204 -4.76 -13.35 -2.82
CA HIS B 204 -5.19 -13.37 -1.43
C HIS B 204 -6.55 -12.67 -1.29
N GLU B 205 -7.43 -13.26 -0.48
CA GLU B 205 -8.79 -12.75 -0.33
C GLU B 205 -8.84 -11.28 0.06
N ALA B 206 -7.83 -10.80 0.79
CA ALA B 206 -7.84 -9.44 1.33
C ALA B 206 -7.26 -8.40 0.38
N ALA B 207 -6.63 -8.87 -0.69
CA ALA B 207 -6.07 -7.97 -1.70
C ALA B 207 -7.16 -7.38 -2.58
N SER B 208 -7.18 -6.05 -2.67
CA SER B 208 -8.20 -5.40 -3.46
C SER B 208 -7.51 -4.49 -4.47
N PRO B 209 -8.07 -4.44 -5.70
CA PRO B 209 -9.21 -5.31 -6.01
C PRO B 209 -8.74 -6.61 -6.63
N SER B 210 -9.70 -7.46 -6.98
CA SER B 210 -9.43 -8.67 -7.74
C SER B 210 -8.43 -9.61 -7.04
N GLN B 211 -8.25 -9.43 -5.74
CA GLN B 211 -7.51 -10.39 -4.90
C GLN B 211 -6.07 -10.63 -5.35
N THR B 212 -5.50 -9.65 -6.03
CA THR B 212 -4.15 -9.82 -6.54
C THR B 212 -3.23 -8.69 -6.14
N VAL B 213 -2.00 -9.07 -5.81
CA VAL B 213 -0.93 -8.13 -5.53
C VAL B 213 0.30 -8.75 -6.16
N GLN B 214 1.06 -7.94 -6.87
CA GLN B 214 2.27 -8.45 -7.46
C GLN B 214 3.37 -7.42 -7.38
N ARG B 215 4.58 -7.86 -7.71
CA ARG B 215 5.75 -7.02 -7.63
C ARG B 215 6.73 -7.48 -8.70
N ALA B 216 7.31 -6.51 -9.41
CA ALA B 216 8.27 -6.84 -10.45
C ALA B 216 9.68 -6.86 -9.92
N VAL B 217 10.51 -7.66 -10.57
CA VAL B 217 11.92 -7.70 -10.25
C VAL B 217 12.74 -8.16 -11.46
N SER B 218 13.99 -7.70 -11.51
CA SER B 218 14.94 -8.17 -12.53
C SER B 218 16.39 -8.39 -12.05
N VAL B 219 17.04 -9.40 -12.63
CA VAL B 219 18.48 -9.61 -12.55
C VAL B 219 19.28 -8.35 -12.86
N ASN B 220 20.00 -7.83 -11.87
CA ASN B 220 20.80 -6.62 -12.07
C ASN B 220 20.02 -5.54 -12.81
N PRO B 221 19.20 -4.78 -12.06
CA PRO B 221 18.29 -3.72 -12.54
C PRO B 221 18.91 -2.80 -13.59
N ASN C 8 13.68 24.11 -13.90
CA ASN C 8 12.45 23.44 -14.30
C ASN C 8 12.61 21.92 -14.45
N PRO C 9 11.74 21.14 -13.79
CA PRO C 9 11.75 19.67 -13.82
C PRO C 9 10.70 19.08 -14.78
N ARG C 10 10.96 17.90 -15.33
CA ARG C 10 9.98 17.19 -16.18
C ARG C 10 9.76 15.75 -15.72
N CYS C 11 8.73 15.53 -14.92
CA CYS C 11 8.41 14.19 -14.46
C CYS C 11 7.05 13.74 -15.00
N VAL C 12 7.10 12.89 -16.01
CA VAL C 12 5.89 12.32 -16.59
C VAL C 12 5.00 11.75 -15.49
N SER C 13 3.77 12.24 -15.42
CA SER C 13 2.82 11.75 -14.45
C SER C 13 1.51 11.37 -15.13
N ALA C 14 0.78 10.45 -14.50
CA ALA C 14 -0.46 9.95 -15.07
C ALA C 14 -1.64 10.08 -14.10
N TYR C 15 -2.81 10.42 -14.63
CA TYR C 15 -3.99 10.65 -13.82
C TYR C 15 -5.18 9.87 -14.36
N LEU C 16 -5.87 9.15 -13.48
CA LEU C 16 -7.02 8.37 -13.91
C LEU C 16 -8.29 8.81 -13.18
N SER C 17 -9.25 9.29 -13.96
CA SER C 17 -10.45 9.92 -13.42
C SER C 17 -11.62 8.95 -13.34
N ARG C 18 -12.47 9.16 -12.34
CA ARG C 18 -13.77 8.50 -12.28
C ARG C 18 -14.77 9.19 -13.23
N PRO C 19 -15.87 8.50 -13.56
CA PRO C 19 -16.85 9.14 -14.44
C PRO C 19 -17.50 10.36 -13.77
N SER C 20 -17.85 11.37 -14.56
CA SER C 20 -18.64 12.49 -14.05
C SER C 20 -20.01 11.99 -13.62
N PRO C 21 -20.49 12.43 -12.44
CA PRO C 21 -21.80 11.99 -11.96
C PRO C 21 -22.88 12.34 -12.99
N PHE C 22 -22.70 13.45 -13.68
CA PHE C 22 -23.58 13.81 -14.77
C PHE C 22 -23.62 12.75 -15.88
N ASP C 23 -22.46 12.37 -16.39
CA ASP C 23 -22.36 11.34 -17.41
C ASP C 23 -22.93 10.02 -16.91
N LEU C 24 -22.61 9.72 -15.66
CA LEU C 24 -22.96 8.47 -15.05
C LEU C 24 -24.47 8.32 -14.79
N PHE C 25 -25.07 9.35 -14.21
CA PHE C 25 -26.44 9.26 -13.74
C PHE C 25 -27.44 9.92 -14.68
N ILE C 26 -27.01 11.01 -15.32
CA ILE C 26 -27.91 11.75 -16.19
C ILE C 26 -27.87 11.25 -17.65
N ARG C 27 -26.71 11.38 -18.29
CA ARG C 27 -26.55 10.86 -19.65
C ARG C 27 -26.47 9.34 -19.69
N LYS C 28 -26.24 8.71 -18.53
CA LYS C 28 -26.09 7.26 -18.46
C LYS C 28 -25.13 6.75 -19.54
N SER C 29 -24.11 7.56 -19.84
CA SER C 29 -22.99 7.11 -20.65
C SER C 29 -21.67 7.57 -20.00
N PRO C 30 -21.27 6.88 -18.91
CA PRO C 30 -20.05 7.22 -18.19
C PRO C 30 -18.79 6.86 -18.97
N THR C 31 -17.75 7.63 -18.72
CA THR C 31 -16.45 7.36 -19.26
C THR C 31 -15.42 7.69 -18.20
N ILE C 32 -14.26 7.07 -18.30
CA ILE C 32 -13.13 7.42 -17.46
C ILE C 32 -12.00 7.87 -18.37
N THR C 33 -11.09 8.66 -17.81
CA THR C 33 -10.03 9.25 -18.61
C THR C 33 -8.69 9.06 -17.95
N CYS C 34 -7.74 8.63 -18.76
CA CYS C 34 -6.36 8.48 -18.32
C CYS C 34 -5.56 9.62 -18.95
N LEU C 35 -4.96 10.46 -18.11
CA LEU C 35 -4.29 11.66 -18.58
C LEU C 35 -2.81 11.53 -18.32
N VAL C 36 -2.00 11.67 -19.37
CA VAL C 36 -0.54 11.59 -19.20
C VAL C 36 0.10 12.91 -19.60
N VAL C 37 0.83 13.50 -18.65
CA VAL C 37 1.35 14.85 -18.79
C VAL C 37 2.87 14.81 -18.87
N ASP C 38 3.46 15.91 -19.33
CA ASP C 38 4.92 16.12 -19.32
C ASP C 38 5.68 15.10 -20.17
N LEU C 39 5.11 14.75 -21.31
CA LEU C 39 5.84 13.88 -22.22
C LEU C 39 6.74 14.70 -23.12
N ALA C 40 7.82 14.06 -23.56
CA ALA C 40 8.71 14.67 -24.54
C ALA C 40 8.23 14.33 -25.94
N PRO C 41 7.81 15.35 -26.70
CA PRO C 41 7.27 15.12 -28.04
C PRO C 41 8.21 14.28 -28.92
N SER C 42 7.63 13.59 -29.89
CA SER C 42 8.38 12.80 -30.86
C SER C 42 9.48 11.93 -30.22
N LYS C 43 9.20 11.41 -29.02
CA LYS C 43 10.06 10.38 -28.44
C LYS C 43 9.42 9.02 -28.70
N GLY C 44 8.82 8.88 -29.88
CA GLY C 44 8.01 7.71 -30.19
C GLY C 44 6.69 7.86 -29.48
N THR C 45 5.77 6.92 -29.74
CA THR C 45 4.44 7.00 -29.15
C THR C 45 4.33 6.29 -27.79
N VAL C 46 3.48 6.84 -26.94
CA VAL C 46 3.16 6.25 -25.64
C VAL C 46 1.99 5.29 -25.81
N ASN C 47 2.09 4.11 -25.21
CA ASN C 47 0.94 3.20 -25.22
C ASN C 47 0.08 3.39 -23.98
N LEU C 48 -1.23 3.60 -24.18
CA LEU C 48 -2.17 3.62 -23.09
C LEU C 48 -3.06 2.40 -23.23
N THR C 49 -3.01 1.52 -22.26
CA THR C 49 -3.75 0.27 -22.33
C THR C 49 -4.74 0.15 -21.18
N TRP C 50 -5.99 -0.11 -21.56
CA TRP C 50 -7.07 -0.24 -20.60
C TRP C 50 -7.29 -1.71 -20.27
N SER C 51 -7.68 -1.98 -19.04
CA SER C 51 -8.00 -3.34 -18.64
C SER C 51 -8.98 -3.29 -17.48
N ARG C 52 -9.67 -4.41 -17.25
CA ARG C 52 -10.58 -4.53 -16.12
C ARG C 52 -10.06 -5.56 -15.16
N ALA C 53 -10.28 -5.33 -13.87
CA ALA C 53 -9.82 -6.24 -12.85
C ALA C 53 -10.46 -7.63 -13.01
N SER C 54 -11.73 -7.64 -13.45
CA SER C 54 -12.49 -8.88 -13.68
C SER C 54 -12.02 -9.58 -14.96
N GLY C 55 -11.26 -8.87 -15.79
CA GLY C 55 -10.72 -9.47 -17.00
C GLY C 55 -11.70 -9.42 -18.15
N LYS C 56 -12.90 -8.89 -17.92
CA LYS C 56 -13.89 -8.69 -18.99
C LYS C 56 -13.43 -7.63 -19.97
N PRO C 57 -14.02 -7.63 -21.18
CA PRO C 57 -13.55 -6.77 -22.28
C PRO C 57 -13.80 -5.29 -22.02
N VAL C 58 -12.89 -4.44 -22.49
CA VAL C 58 -13.07 -3.01 -22.45
C VAL C 58 -13.54 -2.52 -23.83
N ASN C 59 -14.33 -1.46 -23.82
CA ASN C 59 -14.76 -0.82 -25.07
C ASN C 59 -13.60 -0.23 -25.86
N HIS C 60 -13.89 0.28 -27.06
CA HIS C 60 -12.91 1.06 -27.79
C HIS C 60 -12.77 2.42 -27.11
N SER C 61 -11.53 2.79 -26.84
CA SER C 61 -11.26 4.10 -26.21
C SER C 61 -10.84 5.12 -27.26
N THR C 62 -10.94 6.39 -26.89
CA THR C 62 -10.50 7.46 -27.76
C THR C 62 -9.20 8.02 -27.19
N ARG C 63 -8.23 8.23 -28.08
CA ARG C 63 -6.96 8.79 -27.67
C ARG C 63 -6.75 10.17 -28.27
N LYS C 64 -6.30 11.10 -27.43
CA LYS C 64 -6.08 12.47 -27.82
C LYS C 64 -4.62 12.83 -27.50
N GLU C 65 -3.95 13.45 -28.46
CA GLU C 65 -2.61 13.98 -28.23
C GLU C 65 -2.63 15.49 -28.54
N GLU C 66 -1.92 16.27 -27.75
CA GLU C 66 -1.78 17.70 -28.01
C GLU C 66 -0.48 18.27 -27.44
N LYS C 67 0.39 18.78 -28.31
CA LYS C 67 1.58 19.50 -27.86
C LYS C 67 1.18 20.75 -27.09
N GLN C 68 1.98 21.05 -26.07
CA GLN C 68 1.70 22.13 -25.15
C GLN C 68 2.72 23.25 -25.32
N ARG C 69 2.27 24.49 -25.10
CA ARG C 69 3.15 25.65 -25.22
C ARG C 69 4.28 25.62 -24.21
N ASN C 70 4.37 24.52 -23.46
CA ASN C 70 5.52 24.31 -22.58
C ASN C 70 6.44 23.17 -23.04
N GLY C 71 6.44 22.87 -24.34
CA GLY C 71 7.26 21.81 -24.90
C GLY C 71 6.71 20.42 -24.59
N THR C 72 5.80 20.38 -23.61
CA THR C 72 5.15 19.15 -23.19
C THR C 72 4.41 18.49 -24.34
N LEU C 73 4.14 17.20 -24.16
CA LEU C 73 3.12 16.52 -24.92
C LEU C 73 2.11 15.97 -23.92
N THR C 74 0.83 16.21 -24.16
CA THR C 74 -0.19 15.66 -23.29
C THR C 74 -0.99 14.62 -24.06
N VAL C 75 -1.20 13.46 -23.44
CA VAL C 75 -1.95 12.37 -24.06
C VAL C 75 -3.08 11.92 -23.14
N THR C 76 -4.27 11.71 -23.70
CA THR C 76 -5.41 11.24 -22.92
C THR C 76 -6.05 10.06 -23.61
N SER C 77 -6.61 9.15 -22.81
CA SER C 77 -7.46 8.11 -23.36
C SER C 77 -8.76 8.11 -22.58
N THR C 78 -9.86 8.11 -23.31
CA THR C 78 -11.17 8.12 -22.69
C THR C 78 -11.85 6.81 -23.02
N LEU C 79 -12.24 6.12 -21.96
CA LEU C 79 -12.84 4.82 -22.12
C LEU C 79 -14.28 4.87 -21.64
N PRO C 80 -15.19 4.48 -22.52
CA PRO C 80 -16.60 4.33 -22.14
C PRO C 80 -16.74 3.07 -21.29
N VAL C 81 -17.48 3.20 -20.20
CA VAL C 81 -17.70 2.05 -19.33
C VAL C 81 -19.20 1.79 -19.15
N GLY C 82 -19.55 0.55 -18.85
CA GLY C 82 -20.92 0.19 -18.57
C GLY C 82 -21.40 0.82 -17.28
N THR C 83 -22.59 1.41 -17.30
CA THR C 83 -23.16 2.03 -16.11
C THR C 83 -23.30 0.95 -15.03
N ARG C 84 -23.87 -0.18 -15.42
CA ARG C 84 -24.03 -1.31 -14.51
C ARG C 84 -22.67 -1.67 -13.94
N ASP C 85 -21.71 -1.98 -14.81
CA ASP C 85 -20.39 -2.41 -14.38
C ASP C 85 -19.75 -1.43 -13.38
N TRP C 86 -19.82 -0.14 -13.66
CA TRP C 86 -19.20 0.85 -12.77
C TRP C 86 -19.82 0.88 -11.37
N ILE C 87 -21.13 1.08 -11.37
CA ILE C 87 -21.94 1.20 -10.16
C ILE C 87 -21.88 -0.10 -9.34
N GLU C 88 -21.59 -1.21 -10.01
CA GLU C 88 -21.43 -2.48 -9.33
C GLU C 88 -19.99 -2.69 -8.84
N GLY C 89 -19.11 -1.72 -9.11
CA GLY C 89 -17.75 -1.73 -8.57
C GLY C 89 -16.65 -2.35 -9.42
N GLU C 90 -16.83 -2.38 -10.73
CA GLU C 90 -15.73 -2.82 -11.56
C GLU C 90 -14.53 -1.88 -11.31
N THR C 91 -13.35 -2.46 -11.39
CA THR C 91 -12.11 -1.70 -11.31
C THR C 91 -11.45 -1.65 -12.68
N TYR C 92 -10.97 -0.48 -13.04
CA TYR C 92 -10.44 -0.29 -14.37
C TYR C 92 -9.02 0.23 -14.21
N GLN C 93 -8.12 -0.26 -15.05
CA GLN C 93 -6.74 0.21 -14.97
C GLN C 93 -6.25 0.77 -16.29
N CYS C 94 -5.51 1.86 -16.16
CA CYS C 94 -4.80 2.42 -17.28
C CYS C 94 -3.36 1.99 -17.11
N ARG C 95 -2.77 1.43 -18.16
CA ARG C 95 -1.35 1.11 -18.12
C ARG C 95 -0.58 1.90 -19.18
N VAL C 96 0.48 2.59 -18.76
CA VAL C 96 1.21 3.47 -19.66
C VAL C 96 2.59 2.91 -19.98
N THR C 97 2.81 2.67 -21.26
CA THR C 97 4.02 2.05 -21.76
C THR C 97 4.85 3.05 -22.56
N HIS C 98 6.17 3.05 -22.36
CA HIS C 98 7.04 3.97 -23.09
C HIS C 98 8.37 3.35 -23.49
N PRO C 99 8.94 3.84 -24.61
CA PRO C 99 10.26 3.45 -25.12
C PRO C 99 11.32 3.43 -24.02
N HIS C 100 11.97 4.58 -23.83
CA HIS C 100 12.99 4.74 -22.81
C HIS C 100 12.38 4.86 -21.42
N LEU C 101 11.36 4.06 -21.13
CA LEU C 101 10.71 4.17 -19.83
C LEU C 101 11.10 3.06 -18.87
N PRO C 102 11.67 3.43 -17.72
CA PRO C 102 12.16 2.46 -16.73
C PRO C 102 11.08 1.44 -16.38
N ARG C 103 10.20 1.85 -15.48
CA ARG C 103 9.07 1.05 -15.08
C ARG C 103 7.80 1.72 -15.62
N ALA C 104 6.85 0.90 -16.07
CA ALA C 104 5.59 1.36 -16.67
C ALA C 104 4.66 2.00 -15.65
N LEU C 105 3.76 2.87 -16.13
CA LEU C 105 2.84 3.57 -15.24
C LEU C 105 1.49 2.87 -15.16
N MET C 106 0.96 2.75 -13.95
CA MET C 106 -0.34 2.13 -13.76
C MET C 106 -1.23 2.93 -12.82
N ARG C 107 -2.37 3.38 -13.32
CA ARG C 107 -3.38 3.96 -12.47
C ARG C 107 -4.56 3.03 -12.52
N SER C 108 -5.29 2.94 -11.42
CA SER C 108 -6.54 2.18 -11.43
C SER C 108 -7.64 3.03 -10.82
N THR C 109 -8.88 2.69 -11.13
CA THR C 109 -10.01 3.44 -10.62
C THR C 109 -11.22 2.52 -10.45
N THR C 110 -12.02 2.81 -9.43
CA THR C 110 -13.26 2.07 -9.19
C THR C 110 -14.21 3.02 -8.48
N LYS C 111 -15.49 2.64 -8.43
CA LYS C 111 -16.45 3.53 -7.77
C LYS C 111 -15.93 3.86 -6.38
N THR C 112 -16.00 5.13 -6.06
CA THR C 112 -15.59 5.60 -4.75
C THR C 112 -16.63 5.17 -3.74
N SER C 113 -16.18 4.42 -2.75
CA SER C 113 -17.07 4.01 -1.68
C SER C 113 -16.69 4.68 -0.38
N GLY C 114 -17.52 4.46 0.63
CA GLY C 114 -17.49 5.22 1.87
C GLY C 114 -18.93 5.63 2.16
N PRO C 115 -19.14 6.37 3.27
CA PRO C 115 -20.50 6.88 3.54
C PRO C 115 -20.94 7.93 2.51
N ARG C 116 -22.25 8.00 2.29
CA ARG C 116 -22.79 8.97 1.35
C ARG C 116 -23.45 10.10 2.14
N ALA C 117 -23.51 11.26 1.52
CA ALA C 117 -24.23 12.39 2.07
C ALA C 117 -24.55 13.32 0.90
N ALA C 118 -25.82 13.74 0.81
CA ALA C 118 -26.25 14.57 -0.31
C ALA C 118 -25.81 16.01 -0.09
N PRO C 119 -25.60 16.74 -1.19
CA PRO C 119 -25.08 18.12 -1.21
C PRO C 119 -26.11 19.14 -0.77
N GLU C 120 -25.64 20.18 -0.10
CA GLU C 120 -26.48 21.33 0.14
C GLU C 120 -26.06 22.34 -0.88
N VAL C 121 -27.05 22.98 -1.50
CA VAL C 121 -26.81 23.85 -2.64
C VAL C 121 -27.35 25.23 -2.28
N TYR C 122 -26.49 26.24 -2.33
CA TYR C 122 -26.92 27.60 -2.03
C TYR C 122 -26.40 28.48 -3.16
N ALA C 123 -27.27 29.34 -3.68
CA ALA C 123 -26.91 30.17 -4.81
C ALA C 123 -27.07 31.64 -4.44
N PHE C 124 -26.20 32.48 -4.98
CA PHE C 124 -26.14 33.90 -4.62
C PHE C 124 -25.86 34.79 -5.83
N ALA C 125 -26.44 35.98 -5.82
CA ALA C 125 -26.15 36.95 -6.86
C ALA C 125 -25.35 38.11 -6.24
N THR C 126 -24.33 38.57 -6.95
CA THR C 126 -23.61 39.74 -6.48
C THR C 126 -24.49 40.97 -6.68
N PRO C 127 -24.48 41.87 -5.69
CA PRO C 127 -25.06 43.20 -5.82
C PRO C 127 -24.36 43.94 -6.94
N GLU C 128 -25.01 44.97 -7.49
CA GLU C 128 -24.40 45.78 -8.54
C GLU C 128 -23.13 46.48 -8.06
N TRP C 129 -22.00 46.17 -8.69
CA TRP C 129 -20.75 46.84 -8.38
C TRP C 129 -20.44 47.87 -9.45
N PRO C 130 -19.99 49.05 -9.02
CA PRO C 130 -19.60 50.16 -9.90
C PRO C 130 -18.76 49.70 -11.08
N GLY C 131 -18.72 50.50 -12.14
CA GLY C 131 -18.05 50.10 -13.36
C GLY C 131 -19.03 49.34 -14.24
N SER C 132 -18.74 48.08 -14.50
CA SER C 132 -19.68 47.25 -15.24
C SER C 132 -20.88 46.93 -14.36
N ARG C 133 -22.02 47.54 -14.68
CA ARG C 133 -23.26 47.21 -14.02
C ARG C 133 -24.14 46.48 -15.02
N ASP C 134 -23.58 46.20 -16.20
CA ASP C 134 -24.21 45.33 -17.20
C ASP C 134 -23.77 43.88 -17.01
N LYS C 135 -23.05 43.64 -15.91
CA LYS C 135 -22.63 42.31 -15.52
C LYS C 135 -22.99 42.07 -14.07
N ARG C 136 -23.38 40.84 -13.75
CA ARG C 136 -23.39 40.38 -12.38
C ARG C 136 -22.68 39.05 -12.29
N THR C 137 -22.47 38.59 -11.06
CA THR C 137 -21.87 37.30 -10.89
C THR C 137 -22.79 36.48 -10.05
N LEU C 138 -23.15 35.31 -10.58
CA LEU C 138 -23.82 34.31 -9.75
C LEU C 138 -22.79 33.39 -9.15
N ALA C 139 -23.07 32.93 -7.94
CA ALA C 139 -22.13 32.04 -7.27
C ALA C 139 -22.92 30.98 -6.55
N CYS C 140 -22.31 29.83 -6.38
CA CYS C 140 -23.02 28.72 -5.81
C CYS C 140 -22.09 27.97 -4.87
N LEU C 141 -22.58 27.75 -3.65
CA LEU C 141 -21.90 26.90 -2.71
C LEU C 141 -22.65 25.60 -2.58
N ILE C 142 -21.95 24.52 -2.90
CA ILE C 142 -22.44 23.16 -2.70
C ILE C 142 -21.52 22.50 -1.72
N GLN C 143 -22.07 21.95 -0.64
CA GLN C 143 -21.25 21.50 0.47
C GLN C 143 -21.86 20.33 1.22
N ASN C 144 -21.01 19.61 1.93
CA ASN C 144 -21.44 18.60 2.90
C ASN C 144 -21.89 17.35 2.21
N PHE C 145 -21.46 17.22 0.97
CA PHE C 145 -21.67 15.99 0.24
C PHE C 145 -20.52 14.97 0.43
N MET C 146 -20.82 13.70 0.33
CA MET C 146 -19.81 12.67 0.18
C MET C 146 -20.38 11.46 -0.53
N PRO C 147 -19.55 10.78 -1.31
CA PRO C 147 -18.14 11.17 -1.56
C PRO C 147 -17.97 12.48 -2.37
N GLU C 148 -16.75 12.72 -2.84
CA GLU C 148 -16.40 14.01 -3.46
C GLU C 148 -16.77 14.16 -4.95
N ASP C 149 -17.13 13.06 -5.62
CA ASP C 149 -17.56 13.13 -7.02
C ASP C 149 -18.84 13.94 -7.16
N ILE C 150 -18.74 15.07 -7.85
CA ILE C 150 -19.92 15.91 -8.05
C ILE C 150 -19.91 16.61 -9.41
N SER C 151 -21.08 16.78 -10.00
CA SER C 151 -21.20 17.57 -11.22
C SER C 151 -21.97 18.83 -10.92
N VAL C 152 -21.50 19.95 -11.45
CA VAL C 152 -22.23 21.21 -11.30
C VAL C 152 -22.60 21.81 -12.64
N GLN C 153 -23.83 22.29 -12.73
CA GLN C 153 -24.22 22.97 -13.94
C GLN C 153 -25.11 24.16 -13.63
N TRP C 154 -25.17 25.08 -14.57
CA TRP C 154 -26.06 26.22 -14.44
C TRP C 154 -27.11 26.19 -15.54
N LEU C 155 -28.32 26.56 -15.16
CA LEU C 155 -29.41 26.66 -16.13
C LEU C 155 -29.97 28.08 -16.10
N HIS C 156 -30.38 28.55 -17.27
CA HIS C 156 -31.07 29.82 -17.37
C HIS C 156 -32.36 29.44 -18.06
N ASN C 157 -33.48 29.81 -17.47
CA ASN C 157 -34.76 29.48 -18.09
C ASN C 157 -34.89 27.99 -18.26
N GLU C 158 -34.35 27.24 -17.30
CA GLU C 158 -34.51 25.78 -17.30
C GLU C 158 -33.71 25.08 -18.39
N VAL C 159 -32.82 25.81 -19.04
CA VAL C 159 -32.01 25.17 -20.05
C VAL C 159 -30.53 25.33 -19.70
N GLN C 160 -29.82 24.22 -19.80
CA GLN C 160 -28.44 24.17 -19.34
C GLN C 160 -27.51 25.01 -20.20
N LEU C 161 -26.68 25.79 -19.53
CA LEU C 161 -25.70 26.61 -20.20
C LEU C 161 -24.47 25.79 -20.55
N PRO C 162 -23.66 26.30 -21.47
CA PRO C 162 -22.39 25.64 -21.83
C PRO C 162 -21.46 25.63 -20.62
N ASP C 163 -20.81 24.48 -20.37
CA ASP C 163 -19.95 24.33 -19.19
C ASP C 163 -18.88 25.42 -19.08
N ALA C 164 -18.47 25.94 -20.23
CA ALA C 164 -17.41 26.95 -20.30
C ALA C 164 -17.82 28.31 -19.73
N ARG C 165 -19.12 28.49 -19.53
CA ARG C 165 -19.65 29.74 -18.98
C ARG C 165 -19.33 29.93 -17.50
N HIS C 166 -19.07 28.81 -16.81
CA HIS C 166 -18.88 28.85 -15.38
C HIS C 166 -17.56 28.21 -14.97
N SER C 167 -17.11 28.57 -13.77
CA SER C 167 -15.94 27.99 -13.13
C SER C 167 -16.42 27.27 -11.89
N THR C 168 -15.95 26.05 -11.68
CA THR C 168 -16.25 25.33 -10.45
C THR C 168 -14.95 24.91 -9.75
N THR C 169 -14.91 25.05 -8.43
CA THR C 169 -13.71 24.68 -7.66
C THR C 169 -13.54 23.17 -7.50
N GLN C 170 -12.35 22.76 -7.07
CA GLN C 170 -12.10 21.36 -6.75
C GLN C 170 -12.66 21.07 -5.36
N PRO C 171 -13.25 19.88 -5.20
CA PRO C 171 -13.80 19.52 -3.88
C PRO C 171 -12.73 19.64 -2.79
N ARG C 172 -13.04 20.42 -1.78
CA ARG C 172 -12.21 20.57 -0.60
C ARG C 172 -12.96 19.93 0.56
N LYS C 173 -12.21 19.40 1.52
CA LYS C 173 -12.81 18.89 2.74
C LYS C 173 -13.44 20.04 3.53
N THR C 174 -14.67 19.83 4.00
CA THR C 174 -15.26 20.72 4.98
C THR C 174 -14.56 20.43 6.29
N LYS C 175 -14.84 21.23 7.31
CA LYS C 175 -14.25 20.98 8.62
C LYS C 175 -14.72 19.62 9.15
N GLY C 176 -15.87 19.16 8.67
CA GLY C 176 -16.41 17.87 9.07
C GLY C 176 -15.98 16.75 8.13
N SER C 177 -16.93 15.88 7.80
CA SER C 177 -16.65 14.70 7.00
C SER C 177 -16.87 14.92 5.50
N GLY C 178 -17.68 15.91 5.16
CA GLY C 178 -18.06 16.18 3.79
C GLY C 178 -17.10 17.06 2.99
N PHE C 179 -17.56 17.44 1.81
CA PHE C 179 -16.79 18.29 0.90
C PHE C 179 -17.62 19.46 0.49
N PHE C 180 -16.96 20.46 -0.05
CA PHE C 180 -17.68 21.61 -0.56
C PHE C 180 -17.02 22.07 -1.84
N VAL C 181 -17.76 22.89 -2.58
CA VAL C 181 -17.33 23.29 -3.89
C VAL C 181 -18.02 24.62 -4.18
N PHE C 182 -17.32 25.50 -4.90
CA PHE C 182 -17.90 26.77 -5.33
C PHE C 182 -18.03 26.85 -6.85
N SER C 183 -19.16 27.37 -7.31
CA SER C 183 -19.26 27.67 -8.73
C SER C 183 -19.54 29.14 -8.99
N ARG C 184 -18.87 29.64 -10.02
CA ARG C 184 -18.99 31.03 -10.39
C ARG C 184 -19.50 31.16 -11.82
N LEU C 185 -20.49 32.03 -11.98
CA LEU C 185 -21.09 32.22 -13.28
C LEU C 185 -21.32 33.70 -13.54
N GLU C 186 -20.48 34.30 -14.37
CA GLU C 186 -20.71 35.68 -14.77
C GLU C 186 -21.90 35.72 -15.74
N VAL C 187 -22.79 36.70 -15.55
CA VAL C 187 -23.95 36.87 -16.43
C VAL C 187 -24.04 38.30 -16.99
N THR C 188 -24.88 38.48 -17.99
CA THR C 188 -25.04 39.79 -18.64
C THR C 188 -26.42 40.39 -18.41
N ARG C 189 -26.53 41.71 -18.51
CA ARG C 189 -27.81 42.38 -18.33
C ARG C 189 -28.85 41.79 -19.30
N ALA C 190 -28.43 41.62 -20.55
CA ALA C 190 -29.28 41.02 -21.56
C ALA C 190 -29.93 39.74 -21.04
N GLU C 191 -29.14 38.93 -20.33
CA GLU C 191 -29.62 37.64 -19.88
C GLU C 191 -30.63 37.72 -18.74
N TRP C 192 -30.27 38.38 -17.65
CA TRP C 192 -31.15 38.38 -16.50
C TRP C 192 -32.37 39.26 -16.74
N GLU C 193 -32.27 40.17 -17.70
CA GLU C 193 -33.41 41.03 -18.00
C GLU C 193 -34.50 40.29 -18.78
N GLN C 194 -34.10 39.43 -19.72
CA GLN C 194 -35.07 38.67 -20.51
C GLN C 194 -35.74 37.60 -19.67
N LYS C 195 -35.11 37.27 -18.55
CA LYS C 195 -35.68 36.37 -17.54
C LYS C 195 -34.68 36.22 -16.40
N ASP C 196 -35.08 36.64 -15.22
CA ASP C 196 -34.18 36.65 -14.08
C ASP C 196 -34.20 35.31 -13.34
N GLU C 197 -34.10 34.23 -14.10
CA GLU C 197 -34.18 32.90 -13.53
C GLU C 197 -32.94 32.07 -13.82
N PHE C 198 -32.13 31.83 -12.79
CA PHE C 198 -30.97 30.94 -12.93
C PHE C 198 -30.98 29.83 -11.89
N ILE C 199 -30.46 28.69 -12.28
CA ILE C 199 -30.38 27.54 -11.37
C ILE C 199 -28.95 27.02 -11.32
N CYS C 200 -28.48 26.82 -10.10
CA CYS C 200 -27.28 26.08 -9.86
C CYS C 200 -27.73 24.66 -9.56
N ARG C 201 -27.31 23.74 -10.41
CA ARG C 201 -27.67 22.34 -10.24
C ARG C 201 -26.43 21.50 -9.93
N ALA C 202 -26.55 20.64 -8.93
CA ALA C 202 -25.56 19.61 -8.65
C ALA C 202 -26.07 18.20 -8.99
N VAL C 203 -25.20 17.40 -9.59
CA VAL C 203 -25.44 15.96 -9.72
C VAL C 203 -24.51 15.18 -8.79
N HIS C 204 -25.11 14.34 -7.94
CA HIS C 204 -24.34 13.61 -6.94
C HIS C 204 -25.01 12.30 -6.59
N GLU C 205 -24.22 11.26 -6.47
CA GLU C 205 -24.76 9.93 -6.19
C GLU C 205 -25.68 9.87 -4.95
N ALA C 206 -25.42 10.70 -3.96
CA ALA C 206 -26.18 10.62 -2.71
C ALA C 206 -27.49 11.43 -2.75
N ALA C 207 -27.67 12.23 -3.78
CA ALA C 207 -28.87 13.04 -3.86
C ALA C 207 -30.04 12.19 -4.31
N SER C 208 -31.13 12.27 -3.58
CA SER C 208 -32.29 11.47 -3.89
C SER C 208 -33.51 12.38 -3.99
N PRO C 209 -34.38 12.09 -4.96
CA PRO C 209 -34.09 11.02 -5.91
C PRO C 209 -33.36 11.55 -7.13
N SER C 210 -33.07 10.65 -8.06
CA SER C 210 -32.54 11.03 -9.37
C SER C 210 -31.22 11.81 -9.31
N GLN C 211 -30.53 11.74 -8.18
CA GLN C 211 -29.16 12.24 -8.06
C GLN C 211 -29.01 13.73 -8.37
N THR C 212 -30.07 14.50 -8.16
CA THR C 212 -30.02 15.91 -8.47
C THR C 212 -30.52 16.76 -7.32
N VAL C 213 -29.84 17.87 -7.13
CA VAL C 213 -30.22 18.90 -6.20
C VAL C 213 -29.88 20.21 -6.88
N GLN C 214 -30.79 21.17 -6.81
CA GLN C 214 -30.55 22.45 -7.45
C GLN C 214 -31.16 23.53 -6.61
N ARG C 215 -30.79 24.77 -6.93
CA ARG C 215 -31.22 25.92 -6.20
C ARG C 215 -31.39 27.06 -7.20
N ALA C 216 -32.45 27.85 -7.04
CA ALA C 216 -32.66 28.97 -7.94
C ALA C 216 -32.11 30.25 -7.35
N VAL C 217 -31.72 31.15 -8.23
CA VAL C 217 -31.23 32.44 -7.80
C VAL C 217 -31.55 33.47 -8.87
N SER C 218 -31.87 34.66 -8.38
CA SER C 218 -32.20 35.78 -9.21
C SER C 218 -31.26 36.92 -8.88
N VAL C 219 -30.89 37.67 -9.92
CA VAL C 219 -30.10 38.88 -9.76
C VAL C 219 -30.82 39.92 -8.90
N ASN C 220 -32.15 39.95 -8.98
CA ASN C 220 -32.95 40.89 -8.20
C ASN C 220 -33.80 40.25 -7.09
N PRO C 221 -33.67 40.75 -5.86
CA PRO C 221 -34.43 40.28 -4.69
C PRO C 221 -35.90 40.72 -4.74
N PRO D 9 4.96 7.80 -9.64
CA PRO D 9 6.41 7.92 -9.73
C PRO D 9 6.93 9.05 -8.85
N ARG D 10 8.04 8.82 -8.16
CA ARG D 10 8.62 9.84 -7.32
C ARG D 10 9.37 10.88 -8.14
N CYS D 11 8.93 12.13 -8.07
CA CYS D 11 9.63 13.21 -8.75
C CYS D 11 9.71 14.45 -7.87
N VAL D 12 10.94 14.79 -7.47
CA VAL D 12 11.22 15.94 -6.62
C VAL D 12 10.94 17.26 -7.34
N SER D 13 10.05 18.07 -6.76
CA SER D 13 9.75 19.37 -7.34
C SER D 13 9.88 20.46 -6.28
N ALA D 14 10.15 21.68 -6.74
CA ALA D 14 10.38 22.81 -5.85
C ALA D 14 9.47 24.00 -6.18
N TYR D 15 8.98 24.66 -5.15
CA TYR D 15 8.03 25.75 -5.32
C TYR D 15 8.50 26.99 -4.56
N LEU D 16 8.54 28.13 -5.24
CA LEU D 16 8.96 29.36 -4.59
C LEU D 16 7.85 30.41 -4.57
N SER D 17 7.44 30.79 -3.37
CA SER D 17 6.26 31.62 -3.16
C SER D 17 6.62 33.09 -2.98
N ARG D 18 5.73 33.97 -3.46
CA ARG D 18 5.81 35.39 -3.15
C ARG D 18 5.30 35.66 -1.72
N PRO D 19 5.64 36.84 -1.15
CA PRO D 19 5.12 37.12 0.20
C PRO D 19 3.59 37.26 0.19
N SER D 20 2.94 36.86 1.27
CA SER D 20 1.52 37.15 1.44
C SER D 20 1.32 38.67 1.49
N PRO D 21 0.31 39.17 0.78
CA PRO D 21 -0.03 40.61 0.83
C PRO D 21 -0.26 41.10 2.25
N PHE D 22 -0.88 40.24 3.07
CA PHE D 22 -1.00 40.51 4.49
C PHE D 22 0.34 40.75 5.20
N ASP D 23 1.27 39.80 5.06
CA ASP D 23 2.61 39.94 5.65
C ASP D 23 3.32 41.17 5.13
N LEU D 24 3.21 41.35 3.83
CA LEU D 24 3.88 42.42 3.12
C LEU D 24 3.35 43.81 3.47
N PHE D 25 2.03 43.98 3.48
CA PHE D 25 1.46 45.32 3.63
C PHE D 25 0.96 45.60 5.02
N ILE D 26 0.47 44.57 5.70
CA ILE D 26 -0.13 44.74 7.02
C ILE D 26 0.87 44.56 8.15
N ARG D 27 1.43 43.35 8.25
CA ARG D 27 2.48 43.08 9.23
C ARG D 27 3.80 43.75 8.85
N LYS D 28 3.93 44.15 7.59
CA LYS D 28 5.17 44.72 7.05
C LYS D 28 6.38 43.87 7.45
N SER D 29 6.18 42.57 7.52
CA SER D 29 7.29 41.62 7.64
C SER D 29 7.06 40.46 6.67
N PRO D 30 7.32 40.75 5.39
CA PRO D 30 7.17 39.74 4.34
C PRO D 30 8.23 38.64 4.40
N THR D 31 7.82 37.46 3.98
CA THR D 31 8.73 36.34 3.81
C THR D 31 8.40 35.60 2.52
N ILE D 32 9.38 34.89 1.99
CA ILE D 32 9.12 34.02 0.87
C ILE D 32 9.48 32.59 1.30
N THR D 33 8.87 31.61 0.66
CA THR D 33 9.11 30.24 1.04
C THR D 33 9.43 29.38 -0.16
N CYS D 34 10.51 28.60 0.00
CA CYS D 34 10.91 27.61 -0.98
C CYS D 34 10.50 26.25 -0.44
N LEU D 35 9.65 25.56 -1.19
CA LEU D 35 9.10 24.30 -0.75
C LEU D 35 9.63 23.19 -1.65
N VAL D 36 10.20 22.16 -1.04
CA VAL D 36 10.69 21.01 -1.81
C VAL D 36 9.97 19.73 -1.41
N VAL D 37 9.33 19.10 -2.38
CA VAL D 37 8.44 17.98 -2.13
C VAL D 37 9.00 16.69 -2.72
N ASP D 38 8.48 15.55 -2.26
CA ASP D 38 8.79 14.25 -2.83
C ASP D 38 10.26 13.90 -2.68
N LEU D 39 10.85 14.22 -1.54
CA LEU D 39 12.22 13.79 -1.27
C LEU D 39 12.22 12.40 -0.64
N ALA D 40 13.31 11.67 -0.87
CA ALA D 40 13.52 10.39 -0.24
C ALA D 40 14.21 10.58 1.09
N PRO D 41 13.52 10.26 2.19
CA PRO D 41 14.11 10.46 3.53
C PRO D 41 15.49 9.83 3.68
N SER D 42 16.28 10.39 4.58
CA SER D 42 17.61 9.87 4.90
C SER D 42 18.45 9.54 3.67
N LYS D 43 18.31 10.33 2.61
CA LYS D 43 19.22 10.24 1.49
C LYS D 43 20.23 11.37 1.63
N GLY D 44 20.62 11.64 2.86
CA GLY D 44 21.46 12.79 3.16
C GLY D 44 20.60 14.03 3.12
N THR D 45 21.17 15.17 3.49
CA THR D 45 20.40 16.41 3.55
C THR D 45 20.40 17.19 2.26
N VAL D 46 19.28 17.87 2.01
CA VAL D 46 19.11 18.77 0.88
C VAL D 46 19.58 20.16 1.25
N ASN D 47 20.37 20.80 0.38
CA ASN D 47 20.75 22.17 0.64
C ASN D 47 19.77 23.13 -0.02
N LEU D 48 19.22 24.06 0.75
CA LEU D 48 18.44 25.15 0.17
C LEU D 48 19.22 26.42 0.35
N THR D 49 19.62 27.03 -0.76
CA THR D 49 20.41 28.24 -0.71
C THR D 49 19.70 29.46 -1.32
N TRP D 50 19.66 30.53 -0.54
CA TRP D 50 18.99 31.77 -0.93
C TRP D 50 20.02 32.74 -1.48
N SER D 51 19.57 33.53 -2.46
CA SER D 51 20.42 34.54 -3.05
C SER D 51 19.58 35.65 -3.66
N ARG D 52 20.19 36.82 -3.83
CA ARG D 52 19.51 37.94 -4.45
C ARG D 52 20.16 38.29 -5.79
N ALA D 53 19.33 38.70 -6.74
CA ALA D 53 19.83 39.02 -8.08
C ALA D 53 20.81 40.19 -8.05
N SER D 54 20.57 41.10 -7.13
CA SER D 54 21.45 42.24 -6.89
C SER D 54 22.70 41.84 -6.11
N GLY D 55 22.67 40.66 -5.49
CA GLY D 55 23.84 40.10 -4.85
C GLY D 55 24.03 40.65 -3.45
N LYS D 56 23.08 41.47 -3.03
CA LYS D 56 23.04 41.92 -1.65
C LYS D 56 22.70 40.77 -0.69
N PRO D 57 23.01 40.95 0.60
CA PRO D 57 22.90 39.85 1.57
C PRO D 57 21.47 39.42 1.84
N VAL D 58 21.29 38.12 2.06
CA VAL D 58 19.99 37.60 2.46
C VAL D 58 19.99 37.40 3.98
N ASN D 59 18.81 37.56 4.58
CA ASN D 59 18.63 37.32 6.01
C ASN D 59 18.84 35.85 6.36
N HIS D 60 18.86 35.54 7.65
CA HIS D 60 18.83 34.16 8.08
C HIS D 60 17.43 33.58 7.78
N SER D 61 17.42 32.43 7.13
CA SER D 61 16.18 31.73 6.83
C SER D 61 15.91 30.60 7.82
N THR D 62 14.65 30.19 7.90
CA THR D 62 14.25 29.07 8.72
C THR D 62 13.98 27.88 7.84
N ARG D 63 14.50 26.74 8.25
CA ARG D 63 14.33 25.52 7.49
C ARG D 63 13.48 24.53 8.27
N LYS D 64 12.53 23.92 7.59
CA LYS D 64 11.61 22.98 8.22
C LYS D 64 11.68 21.68 7.45
N GLU D 65 11.78 20.56 8.16
CA GLU D 65 11.70 19.23 7.53
C GLU D 65 10.57 18.43 8.19
N GLU D 66 9.85 17.66 7.40
CA GLU D 66 8.77 16.82 7.92
C GLU D 66 8.51 15.62 7.03
N LYS D 67 8.73 14.41 7.55
CA LYS D 67 8.35 13.20 6.84
C LYS D 67 6.85 13.17 6.66
N GLN D 68 6.46 12.79 5.45
CA GLN D 68 5.08 12.89 5.02
C GLN D 68 4.36 11.57 5.14
N ARG D 69 3.04 11.65 5.03
CA ARG D 69 2.18 10.48 5.04
C ARG D 69 2.73 9.44 4.09
N ASN D 70 2.93 9.87 2.84
CA ASN D 70 3.35 8.99 1.76
C ASN D 70 4.82 8.62 1.84
N GLY D 71 5.46 8.96 2.96
CA GLY D 71 6.84 8.63 3.17
C GLY D 71 7.79 9.40 2.27
N THR D 72 7.31 10.47 1.67
CA THR D 72 8.22 11.44 1.09
C THR D 72 8.62 12.38 2.21
N LEU D 73 9.68 13.12 1.96
CA LEU D 73 10.17 14.12 2.88
C LEU D 73 9.87 15.49 2.30
N THR D 74 9.32 16.38 3.12
CA THR D 74 9.06 17.72 2.65
C THR D 74 9.97 18.69 3.39
N VAL D 75 10.62 19.58 2.64
CA VAL D 75 11.54 20.57 3.22
C VAL D 75 11.15 21.96 2.78
N THR D 76 11.17 22.91 3.72
CA THR D 76 10.85 24.30 3.39
C THR D 76 11.90 25.22 3.95
N SER D 77 12.14 26.32 3.25
CA SER D 77 12.94 27.39 3.80
C SER D 77 12.15 28.68 3.68
N THR D 78 12.04 29.39 4.78
CA THR D 78 11.34 30.65 4.77
C THR D 78 12.33 31.77 4.97
N LEU D 79 12.34 32.69 4.02
CA LEU D 79 13.30 33.78 4.09
C LEU D 79 12.57 35.08 4.28
N PRO D 80 12.94 35.81 5.34
CA PRO D 80 12.43 37.16 5.56
C PRO D 80 13.09 38.11 4.56
N VAL D 81 12.28 38.96 3.94
CA VAL D 81 12.79 39.91 2.97
C VAL D 81 12.40 41.33 3.36
N GLY D 82 13.22 42.29 2.95
CA GLY D 82 12.93 43.70 3.19
C GLY D 82 11.68 44.12 2.44
N THR D 83 10.85 44.90 3.11
CA THR D 83 9.64 45.41 2.47
C THR D 83 10.00 46.31 1.28
N ARG D 84 10.92 47.24 1.53
CA ARG D 84 11.41 48.11 0.47
C ARG D 84 12.00 47.29 -0.66
N ASP D 85 12.94 46.39 -0.34
CA ASP D 85 13.59 45.59 -1.36
C ASP D 85 12.57 44.87 -2.24
N TRP D 86 11.57 44.25 -1.63
CA TRP D 86 10.58 43.49 -2.39
C TRP D 86 9.74 44.34 -3.32
N ILE D 87 9.15 45.37 -2.74
CA ILE D 87 8.29 46.28 -3.44
C ILE D 87 9.04 47.05 -4.51
N GLU D 88 10.35 47.18 -4.34
CA GLU D 88 11.21 47.83 -5.32
C GLU D 88 11.66 46.86 -6.42
N GLY D 89 11.27 45.59 -6.28
CA GLY D 89 11.51 44.60 -7.32
C GLY D 89 12.76 43.74 -7.20
N GLU D 90 13.25 43.53 -5.99
CA GLU D 90 14.35 42.59 -5.84
C GLU D 90 13.91 41.23 -6.34
N THR D 91 14.86 40.48 -6.91
CA THR D 91 14.61 39.11 -7.30
C THR D 91 15.36 38.19 -6.37
N TYR D 92 14.66 37.17 -5.88
CA TYR D 92 15.21 36.23 -4.93
C TYR D 92 15.24 34.84 -5.55
N GLN D 93 16.33 34.12 -5.37
CA GLN D 93 16.42 32.76 -5.88
C GLN D 93 16.64 31.71 -4.81
N CYS D 94 15.92 30.61 -4.94
CA CYS D 94 16.15 29.44 -4.12
C CYS D 94 16.94 28.46 -5.00
N ARG D 95 18.08 28.01 -4.48
CA ARG D 95 18.80 26.96 -5.17
C ARG D 95 18.79 25.67 -4.33
N VAL D 96 18.40 24.56 -4.96
CA VAL D 96 18.30 23.29 -4.26
C VAL D 96 19.36 22.30 -4.70
N THR D 97 20.19 21.91 -3.75
CA THR D 97 21.34 21.04 -3.98
C THR D 97 21.08 19.68 -3.35
N HIS D 98 21.36 18.60 -4.07
CA HIS D 98 21.27 17.28 -3.46
C HIS D 98 22.23 16.27 -4.07
N PRO D 99 22.77 15.37 -3.24
CA PRO D 99 23.65 14.27 -3.64
C PRO D 99 23.14 13.42 -4.83
N HIS D 100 21.97 12.77 -4.70
CA HIS D 100 21.40 11.97 -5.81
C HIS D 100 20.57 12.85 -6.74
N LEU D 101 21.07 14.05 -7.01
CA LEU D 101 20.38 14.98 -7.88
C LEU D 101 21.25 15.41 -9.05
N PRO D 102 20.78 15.11 -10.27
CA PRO D 102 21.56 15.44 -11.48
C PRO D 102 21.80 16.93 -11.53
N ARG D 103 20.85 17.64 -12.12
CA ARG D 103 20.87 19.09 -12.16
C ARG D 103 20.39 19.59 -10.80
N ALA D 104 20.88 20.75 -10.39
CA ALA D 104 20.37 21.41 -9.19
C ALA D 104 19.08 22.14 -9.53
N LEU D 105 18.24 22.36 -8.53
CA LEU D 105 16.96 23.04 -8.75
C LEU D 105 17.02 24.51 -8.41
N MET D 106 16.47 25.34 -9.31
CA MET D 106 16.47 26.78 -9.10
C MET D 106 15.10 27.37 -9.35
N ARG D 107 14.53 27.99 -8.32
CA ARG D 107 13.34 28.78 -8.48
C ARG D 107 13.72 30.22 -8.14
N SER D 108 13.09 31.17 -8.80
CA SER D 108 13.28 32.55 -8.49
C SER D 108 11.93 33.23 -8.35
N THR D 109 11.93 34.36 -7.67
CA THR D 109 10.70 35.09 -7.46
C THR D 109 10.98 36.57 -7.36
N THR D 110 10.03 37.38 -7.83
CA THR D 110 10.12 38.84 -7.73
C THR D 110 8.69 39.36 -7.66
N LYS D 111 8.53 40.61 -7.25
CA LYS D 111 7.18 41.20 -7.23
C LYS D 111 6.54 41.02 -8.61
N THR D 112 5.25 40.75 -8.60
CA THR D 112 4.50 40.55 -9.82
C THR D 112 4.28 41.87 -10.58
N SER D 113 4.39 41.81 -11.90
CA SER D 113 4.14 43.01 -12.67
C SER D 113 2.80 42.88 -13.39
N GLY D 114 2.53 43.83 -14.29
CA GLY D 114 1.27 43.86 -14.99
C GLY D 114 0.31 44.88 -14.41
N PRO D 115 -0.81 45.09 -15.10
CA PRO D 115 -1.90 45.94 -14.63
C PRO D 115 -2.32 45.56 -13.21
N ARG D 116 -2.73 46.58 -12.45
CA ARG D 116 -3.33 46.35 -11.15
C ARG D 116 -4.83 46.57 -11.27
N ALA D 117 -5.57 45.91 -10.38
CA ALA D 117 -7.02 46.10 -10.26
C ALA D 117 -7.42 45.64 -8.87
N ALA D 118 -8.16 46.48 -8.16
CA ALA D 118 -8.54 46.17 -6.80
C ALA D 118 -9.69 45.15 -6.81
N PRO D 119 -9.76 44.34 -5.74
CA PRO D 119 -10.74 43.26 -5.58
C PRO D 119 -12.16 43.76 -5.28
N GLU D 120 -13.15 43.05 -5.78
CA GLU D 120 -14.52 43.26 -5.35
C GLU D 120 -14.77 42.16 -4.36
N VAL D 121 -15.40 42.52 -3.24
CA VAL D 121 -15.59 41.61 -2.15
C VAL D 121 -17.06 41.52 -1.88
N TYR D 122 -17.59 40.31 -1.95
CA TYR D 122 -18.99 40.07 -1.65
C TYR D 122 -19.09 38.95 -0.64
N ALA D 123 -19.92 39.14 0.37
CA ALA D 123 -20.04 38.15 1.44
C ALA D 123 -21.49 37.68 1.58
N PHE D 124 -21.67 36.41 1.91
CA PHE D 124 -22.99 35.79 1.93
C PHE D 124 -23.12 34.81 3.10
N ALA D 125 -24.34 34.70 3.63
CA ALA D 125 -24.62 33.70 4.66
C ALA D 125 -25.56 32.64 4.09
N THR D 126 -25.28 31.38 4.37
CA THR D 126 -26.24 30.37 3.98
C THR D 126 -27.51 30.48 4.84
N PRO D 127 -28.67 30.31 4.20
CA PRO D 127 -29.93 30.14 4.92
C PRO D 127 -29.84 28.90 5.81
N GLU D 128 -30.72 28.81 6.80
CA GLU D 128 -30.75 27.64 7.68
C GLU D 128 -31.11 26.36 6.90
N TRP D 129 -30.19 25.39 6.92
CA TRP D 129 -30.45 24.10 6.28
C TRP D 129 -30.76 23.06 7.35
N PRO D 130 -31.78 22.23 7.09
CA PRO D 130 -32.21 21.15 7.98
C PRO D 130 -31.03 20.35 8.53
N GLY D 131 -31.26 19.67 9.64
CA GLY D 131 -30.18 18.97 10.33
C GLY D 131 -29.53 19.93 11.31
N SER D 132 -28.25 20.22 11.10
CA SER D 132 -27.58 21.19 11.94
C SER D 132 -28.10 22.58 11.60
N ARG D 133 -28.86 23.15 12.52
CA ARG D 133 -29.28 24.53 12.39
C ARG D 133 -28.59 25.36 13.47
N ASP D 134 -27.62 24.73 14.12
CA ASP D 134 -26.71 25.43 15.03
C ASP D 134 -25.44 25.79 14.29
N LYS D 135 -25.45 25.57 12.98
CA LYS D 135 -24.34 25.94 12.12
C LYS D 135 -24.85 26.74 10.93
N ARG D 136 -24.06 27.72 10.48
CA ARG D 136 -24.27 28.33 9.18
C ARG D 136 -22.95 28.39 8.46
N THR D 137 -23.00 28.71 7.20
CA THR D 137 -21.78 28.89 6.47
C THR D 137 -21.76 30.30 5.93
N LEU D 138 -20.68 31.00 6.23
CA LEU D 138 -20.40 32.24 5.53
C LEU D 138 -19.52 31.96 4.32
N ALA D 139 -19.73 32.71 3.26
CA ALA D 139 -18.92 32.53 2.07
C ALA D 139 -18.61 33.88 1.49
N CYS D 140 -17.48 33.97 0.80
CA CYS D 140 -17.03 35.26 0.29
C CYS D 140 -16.50 35.08 -1.12
N LEU D 141 -16.95 35.95 -2.00
CA LEU D 141 -16.40 36.00 -3.33
C LEU D 141 -15.60 37.28 -3.45
N ILE D 142 -14.32 37.11 -3.76
CA ILE D 142 -13.46 38.23 -4.07
C ILE D 142 -13.02 38.04 -5.51
N GLN D 143 -13.21 39.05 -6.33
CA GLN D 143 -12.99 38.86 -7.76
C GLN D 143 -12.55 40.13 -8.46
N ASN D 144 -11.99 39.95 -9.66
CA ASN D 144 -11.61 41.04 -10.56
C ASN D 144 -10.40 41.83 -10.09
N PHE D 145 -9.60 41.19 -9.27
CA PHE D 145 -8.36 41.77 -8.84
C PHE D 145 -7.22 41.33 -9.75
N MET D 146 -6.21 42.17 -9.86
CA MET D 146 -4.93 41.75 -10.41
C MET D 146 -3.81 42.63 -9.85
N PRO D 147 -2.62 42.03 -9.66
CA PRO D 147 -2.35 40.62 -9.94
C PRO D 147 -3.05 39.65 -8.97
N GLU D 148 -2.65 38.38 -9.04
CA GLU D 148 -3.36 37.33 -8.31
C GLU D 148 -3.02 37.17 -6.81
N ASP D 149 -1.93 37.80 -6.35
CA ASP D 149 -1.56 37.79 -4.93
C ASP D 149 -2.63 38.45 -4.06
N ILE D 150 -3.27 37.64 -3.21
CA ILE D 150 -4.27 38.19 -2.33
C ILE D 150 -4.29 37.49 -0.97
N SER D 151 -4.60 38.24 0.08
CA SER D 151 -4.80 37.63 1.38
C SER D 151 -6.26 37.77 1.76
N VAL D 152 -6.84 36.70 2.29
CA VAL D 152 -8.20 36.76 2.82
C VAL D 152 -8.24 36.43 4.28
N GLN D 153 -9.03 37.20 5.01
CA GLN D 153 -9.23 36.91 6.41
C GLN D 153 -10.67 37.14 6.80
N TRP D 154 -11.08 36.54 7.92
CA TRP D 154 -12.40 36.76 8.45
C TRP D 154 -12.27 37.38 9.82
N LEU D 155 -13.19 38.29 10.13
CA LEU D 155 -13.24 38.92 11.44
C LEU D 155 -14.64 38.72 12.01
N HIS D 156 -14.70 38.57 13.32
CA HIS D 156 -15.95 38.51 14.02
C HIS D 156 -15.81 39.59 15.05
N ASN D 157 -16.77 40.50 15.11
CA ASN D 157 -16.67 41.56 16.11
C ASN D 157 -15.39 42.34 15.94
N GLU D 158 -14.96 42.51 14.69
CA GLU D 158 -13.79 43.34 14.37
C GLU D 158 -12.47 42.73 14.82
N VAL D 159 -12.49 41.45 15.18
CA VAL D 159 -11.26 40.79 15.56
C VAL D 159 -11.03 39.58 14.66
N GLN D 160 -9.82 39.51 14.12
CA GLN D 160 -9.49 38.46 13.17
C GLN D 160 -9.53 37.06 13.76
N LEU D 161 -10.14 36.16 13.01
CA LEU D 161 -10.22 34.75 13.39
C LEU D 161 -8.96 34.03 12.98
N PRO D 162 -8.71 32.88 13.61
CA PRO D 162 -7.58 32.03 13.21
C PRO D 162 -7.78 31.58 11.75
N ASP D 163 -6.72 31.66 10.95
CA ASP D 163 -6.77 31.28 9.54
C ASP D 163 -7.35 29.87 9.27
N ALA D 164 -7.21 28.99 10.25
CA ALA D 164 -7.62 27.59 10.11
C ALA D 164 -9.15 27.45 10.13
N ARG D 165 -9.82 28.51 10.56
CA ARG D 165 -11.27 28.53 10.64
C ARG D 165 -11.92 28.56 9.25
N HIS D 166 -11.18 29.05 8.27
CA HIS D 166 -11.76 29.22 6.95
C HIS D 166 -10.93 28.50 5.87
N SER D 167 -11.59 28.25 4.75
CA SER D 167 -10.93 27.72 3.57
C SER D 167 -10.99 28.79 2.48
N THR D 168 -9.87 29.04 1.81
CA THR D 168 -9.89 29.95 0.66
C THR D 168 -9.39 29.23 -0.59
N THR D 169 -10.04 29.48 -1.72
CA THR D 169 -9.66 28.87 -3.00
C THR D 169 -8.38 29.49 -3.59
N GLN D 170 -7.80 28.81 -4.57
CA GLN D 170 -6.68 29.34 -5.32
C GLN D 170 -7.20 30.31 -6.37
N PRO D 171 -6.47 31.42 -6.58
CA PRO D 171 -6.93 32.39 -7.58
C PRO D 171 -7.12 31.71 -8.93
N ARG D 172 -8.31 31.86 -9.49
CA ARG D 172 -8.59 31.42 -10.85
C ARG D 172 -8.84 32.65 -11.72
N LYS D 173 -8.51 32.54 -13.01
CA LYS D 173 -8.81 33.61 -13.94
C LYS D 173 -10.33 33.79 -14.07
N THR D 174 -10.77 35.04 -14.02
CA THR D 174 -12.12 35.38 -14.40
C THR D 174 -12.17 35.29 -15.91
N LYS D 175 -13.36 35.41 -16.48
CA LYS D 175 -13.48 35.36 -17.93
C LYS D 175 -12.74 36.54 -18.54
N GLY D 176 -12.57 37.60 -17.75
CA GLY D 176 -11.84 38.77 -18.18
C GLY D 176 -10.36 38.70 -17.83
N SER D 177 -9.82 39.83 -17.37
CA SER D 177 -8.39 39.93 -17.15
C SER D 177 -8.01 39.62 -15.69
N GLY D 178 -8.99 39.70 -14.80
CA GLY D 178 -8.72 39.55 -13.38
C GLY D 178 -8.82 38.15 -12.84
N PHE D 179 -8.84 38.03 -11.52
CA PHE D 179 -8.92 36.74 -10.85
C PHE D 179 -10.01 36.79 -9.82
N PHE D 180 -10.44 35.62 -9.38
CA PHE D 180 -11.43 35.56 -8.33
C PHE D 180 -11.04 34.46 -7.38
N VAL D 181 -11.67 34.50 -6.22
CA VAL D 181 -11.34 33.59 -5.15
C VAL D 181 -12.56 33.47 -4.25
N PHE D 182 -12.73 32.28 -3.66
CA PHE D 182 -13.83 32.05 -2.71
C PHE D 182 -13.28 31.72 -1.35
N SER D 183 -13.94 32.24 -0.33
CA SER D 183 -13.61 31.83 1.01
C SER D 183 -14.86 31.31 1.74
N ARG D 184 -14.67 30.23 2.45
CA ARG D 184 -15.71 29.58 3.19
C ARG D 184 -15.39 29.62 4.68
N LEU D 185 -16.39 30.01 5.46
CA LEU D 185 -16.24 30.05 6.90
C LEU D 185 -17.47 29.45 7.59
N GLU D 186 -17.32 28.28 8.18
CA GLU D 186 -18.41 27.70 8.96
C GLU D 186 -18.45 28.43 10.30
N VAL D 187 -19.65 28.74 10.78
CA VAL D 187 -19.81 29.40 12.07
C VAL D 187 -20.79 28.65 12.95
N THR D 188 -20.85 29.02 14.23
CA THR D 188 -21.74 28.36 15.18
C THR D 188 -22.81 29.31 15.71
N ARG D 189 -23.91 28.74 16.20
CA ARG D 189 -25.00 29.54 16.75
C ARG D 189 -24.48 30.43 17.88
N ALA D 190 -23.66 29.83 18.75
CA ALA D 190 -23.02 30.56 19.83
C ALA D 190 -22.37 31.84 19.32
N GLU D 191 -21.73 31.76 18.15
CA GLU D 191 -20.98 32.89 17.62
C GLU D 191 -21.88 33.99 17.09
N TRP D 192 -22.77 33.64 16.17
CA TRP D 192 -23.56 34.70 15.53
C TRP D 192 -24.63 35.25 16.46
N GLU D 193 -24.98 34.50 17.51
CA GLU D 193 -25.96 34.97 18.46
C GLU D 193 -25.39 36.02 19.41
N GLN D 194 -24.13 35.85 19.81
CA GLN D 194 -23.51 36.81 20.71
C GLN D 194 -23.18 38.12 19.99
N LYS D 195 -23.14 38.05 18.66
CA LYS D 195 -23.00 39.23 17.80
C LYS D 195 -22.99 38.77 16.36
N ASP D 196 -23.98 39.23 15.59
CA ASP D 196 -24.15 38.74 14.23
C ASP D 196 -23.34 39.57 13.24
N GLU D 197 -22.08 39.80 13.58
CA GLU D 197 -21.23 40.65 12.77
C GLU D 197 -19.97 39.95 12.30
N PHE D 198 -19.90 39.68 11.00
CA PHE D 198 -18.71 39.07 10.43
C PHE D 198 -18.23 39.87 9.24
N ILE D 199 -16.92 39.85 9.04
CA ILE D 199 -16.30 40.55 7.93
C ILE D 199 -15.38 39.63 7.16
N CYS D 200 -15.56 39.63 5.86
CA CYS D 200 -14.59 39.04 4.96
C CYS D 200 -13.70 40.18 4.51
N ARG D 201 -12.41 40.07 4.82
CA ARG D 201 -11.46 41.09 4.45
C ARG D 201 -10.43 40.54 3.48
N ALA D 202 -10.17 41.32 2.43
CA ALA D 202 -9.08 41.00 1.50
C ALA D 202 -7.95 42.01 1.61
N VAL D 203 -6.72 41.51 1.56
CA VAL D 203 -5.55 42.36 1.43
C VAL D 203 -4.97 42.20 0.01
N HIS D 204 -4.84 43.31 -0.69
CA HIS D 204 -4.38 43.27 -2.06
C HIS D 204 -3.63 44.55 -2.41
N GLU D 205 -2.50 44.40 -3.12
CA GLU D 205 -1.68 45.57 -3.48
C GLU D 205 -2.44 46.72 -4.18
N ALA D 206 -3.49 46.38 -4.93
CA ALA D 206 -4.21 47.36 -5.75
C ALA D 206 -5.32 48.06 -4.99
N ALA D 207 -5.65 47.55 -3.81
CA ALA D 207 -6.69 48.16 -3.01
C ALA D 207 -6.18 49.43 -2.35
N SER D 208 -6.93 50.51 -2.52
CA SER D 208 -6.54 51.77 -1.95
C SER D 208 -7.68 52.34 -1.12
N PRO D 209 -7.35 52.94 0.02
CA PRO D 209 -5.95 52.95 0.45
C PRO D 209 -5.65 51.76 1.37
N SER D 210 -4.40 51.71 1.82
CA SER D 210 -3.99 50.75 2.84
C SER D 210 -4.20 49.28 2.45
N GLN D 211 -4.36 49.04 1.14
CA GLN D 211 -4.37 47.68 0.57
C GLN D 211 -5.44 46.76 1.13
N THR D 212 -6.54 47.33 1.60
CA THR D 212 -7.58 46.53 2.22
C THR D 212 -8.94 46.84 1.64
N VAL D 213 -9.72 45.78 1.50
CA VAL D 213 -11.11 45.87 1.12
C VAL D 213 -11.83 44.79 1.92
N GLN D 214 -12.97 45.13 2.50
CA GLN D 214 -13.70 44.14 3.26
C GLN D 214 -15.17 44.37 3.04
N ARG D 215 -15.94 43.40 3.48
CA ARG D 215 -17.37 43.41 3.34
C ARG D 215 -17.99 42.72 4.57
N ALA D 216 -19.06 43.30 5.09
CA ALA D 216 -19.73 42.71 6.24
C ALA D 216 -20.85 41.80 5.83
N VAL D 217 -21.12 40.82 6.68
CA VAL D 217 -22.21 39.91 6.45
C VAL D 217 -22.72 39.45 7.81
N SER D 218 -24.05 39.46 7.92
CA SER D 218 -24.76 38.98 9.11
C SER D 218 -25.60 37.79 8.68
N VAL D 219 -25.69 36.80 9.57
CA VAL D 219 -26.52 35.61 9.39
C VAL D 219 -28.00 35.96 9.28
N ASN D 220 -28.46 36.81 10.20
CA ASN D 220 -29.87 37.17 10.29
C ASN D 220 -30.10 38.67 10.07
N PRO D 221 -30.13 39.09 8.80
CA PRO D 221 -30.65 40.41 8.42
C PRO D 221 -32.08 40.20 7.99
C1 NAG E . 0.05 -30.37 20.69
C2 NAG E . 0.26 -31.26 19.46
C3 NAG E . 1.73 -31.53 19.24
C4 NAG E . 2.51 -30.22 19.17
C5 NAG E . 2.14 -29.25 20.29
C6 NAG E . 2.67 -27.87 19.95
C7 NAG E . -1.58 -32.61 18.74
C8 NAG E . -2.50 -33.78 18.92
N2 NAG E . -0.51 -32.49 19.54
O3 NAG E . 1.89 -32.25 18.04
O4 NAG E . 3.89 -30.49 19.27
O5 NAG E . 0.75 -29.16 20.52
O6 NAG E . 2.19 -26.93 20.89
O7 NAG E . -1.83 -31.77 17.87
C1 NAG E . 4.49 -30.53 17.97
C2 NAG E . 5.94 -30.12 18.12
C3 NAG E . 6.71 -30.23 16.81
C4 NAG E . 6.43 -31.53 16.08
C5 NAG E . 4.93 -31.79 16.02
C6 NAG E . 4.64 -33.08 15.25
C7 NAG E . 6.99 -28.35 19.46
C8 NAG E . 6.62 -28.22 20.91
N2 NAG E . 6.04 -28.75 18.62
O3 NAG E . 8.10 -30.12 17.10
O4 NAG E . 6.86 -31.49 14.74
O5 NAG E . 4.37 -31.79 17.32
O6 NAG E . 4.18 -34.13 16.07
O7 NAG E . 8.13 -28.08 19.08
C1 BMA E . 8.22 -31.91 14.54
C2 BMA E . 8.48 -32.13 13.05
C3 BMA E . 9.94 -32.61 12.86
C4 BMA E . 10.88 -31.57 13.49
C5 BMA E . 10.51 -31.37 14.96
C6 BMA E . 11.35 -30.32 15.66
O2 BMA E . 8.36 -30.88 12.42
O3 BMA E . 10.40 -33.01 11.49
O4 BMA E . 12.21 -32.00 13.43
O5 BMA E . 9.14 -30.98 15.06
O6 BMA E . 10.60 -29.09 15.84
C1 MAN E . 9.83 -32.43 10.28
C2 MAN E . 8.63 -33.24 9.76
C3 MAN E . 9.12 -34.66 9.51
C4 MAN E . 10.32 -34.67 8.56
C5 MAN E . 11.36 -33.63 8.96
C6 MAN E . 12.43 -33.51 7.87
O2 MAN E . 8.14 -32.63 8.59
O3 MAN E . 8.08 -35.44 8.97
O4 MAN E . 10.93 -35.95 8.60
O5 MAN E . 10.76 -32.37 9.21
O6 MAN E . 13.64 -34.11 8.28
C1 MAN E . 11.32 -27.82 15.66
C2 MAN E . 11.77 -27.47 14.24
C3 MAN E . 13.15 -28.05 13.87
C4 MAN E . 14.17 -27.78 14.96
C5 MAN E . 13.64 -28.10 16.36
C6 MAN E . 14.60 -27.63 17.44
O2 MAN E . 11.80 -26.06 14.10
O3 MAN E . 13.59 -27.47 12.66
O4 MAN E . 15.28 -28.60 14.72
O5 MAN E . 12.36 -27.54 16.59
O6 MAN E . 14.09 -28.00 18.70
C1 NAG F . 6.19 -41.40 3.16
C2 NAG F . 6.25 -40.44 4.34
C3 NAG F . 5.08 -39.45 4.32
C4 NAG F . 5.02 -38.71 2.98
C5 NAG F . 5.13 -39.72 1.84
C6 NAG F . 5.23 -39.05 0.47
C7 NAG F . 7.37 -41.01 6.39
C8 NAG F . 8.35 -42.16 6.44
N2 NAG F . 6.31 -41.17 5.60
O3 NAG F . 5.20 -38.53 5.38
O4 NAG F . 3.79 -38.00 2.86
O5 NAG F . 6.23 -40.61 2.00
O6 NAG F . 6.20 -38.03 0.46
O7 NAG F . 7.56 -40.00 7.06
C1 NAG F . 3.83 -36.61 3.22
C2 NAG F . 2.82 -35.82 2.38
C3 NAG F . 2.68 -34.38 2.84
C4 NAG F . 2.29 -34.35 4.31
C5 NAG F . 3.38 -35.09 5.08
C6 NAG F . 3.07 -35.13 6.57
C7 NAG F . 2.28 -36.29 0.09
C8 NAG F . 1.44 -35.29 -0.66
N2 NAG F . 3.15 -35.82 0.97
O3 NAG F . 1.73 -33.72 2.03
O4 NAG F . 2.21 -33.03 4.80
O5 NAG F . 3.59 -36.42 4.62
O6 NAG F . 2.27 -36.25 6.85
O7 NAG F . 2.15 -37.49 -0.10
C1 BMA F . 0.94 -32.36 4.64
C2 BMA F . 0.92 -31.34 5.75
C3 BMA F . -0.11 -30.21 5.58
C4 BMA F . -0.38 -29.81 4.10
C5 BMA F . -0.37 -31.01 3.14
C6 BMA F . -0.40 -30.58 1.66
O2 BMA F . 2.19 -30.71 5.82
O3 BMA F . 0.30 -29.03 6.34
O4 BMA F . -1.64 -29.15 4.01
O5 BMA F . 0.84 -31.76 3.37
O6 BMA F . 0.92 -30.09 1.29
C1 MAN F . -0.14 -29.03 7.73
C2 MAN F . 0.18 -27.69 8.38
C3 MAN F . 1.70 -27.53 8.56
C4 MAN F . 2.26 -28.69 9.37
C5 MAN F . 1.81 -30.01 8.74
C6 MAN F . 2.26 -31.21 9.56
O2 MAN F . -0.47 -27.62 9.64
O3 MAN F . 2.02 -26.33 9.23
O4 MAN F . 3.67 -28.63 9.34
O5 MAN F . 0.40 -30.06 8.55
O6 MAN F . 3.60 -31.49 9.21
C1 MAN F . 0.99 -29.71 -0.10
C2 MAN F . 2.44 -29.33 -0.48
C3 MAN F . 2.91 -28.11 0.32
C4 MAN F . 1.90 -27.01 0.06
C5 MAN F . 0.51 -27.52 0.45
C6 MAN F . -0.57 -26.44 0.46
O2 MAN F . 2.53 -29.01 -1.84
O3 MAN F . 4.21 -27.68 -0.02
O4 MAN F . 2.26 -25.89 0.83
O5 MAN F . 0.14 -28.61 -0.36
O6 MAN F . -1.25 -26.48 1.69
C1 NAG G . 2.98 21.73 -19.27
C2 NAG G . 3.12 21.38 -17.80
C3 NAG G . 2.07 20.35 -17.44
C4 NAG G . 0.66 20.82 -17.80
C5 NAG G . 0.66 21.30 -19.24
C6 NAG G . -0.66 21.97 -19.57
C7 NAG G . 5.32 21.55 -16.75
C8 NAG G . 6.76 21.53 -17.17
N2 NAG G . 4.45 20.88 -17.52
O3 NAG G . 2.19 19.96 -16.08
O4 NAG G . -0.31 19.79 -17.68
O5 NAG G . 1.69 22.24 -19.50
O6 NAG G . -0.68 23.21 -18.91
O7 NAG G . 4.98 22.18 -15.74
C1 NAG G . -0.95 19.70 -16.39
C2 NAG G . -2.34 19.09 -16.54
C3 NAG G . -3.08 18.95 -15.21
C4 NAG G . -2.21 18.20 -14.20
C5 NAG G . -0.82 18.84 -14.17
C6 NAG G . 0.11 18.08 -13.24
C7 NAG G . -3.38 19.34 -18.69
C8 NAG G . -4.82 19.22 -19.11
N2 NAG G . -3.14 19.85 -17.49
O3 NAG G . -4.31 18.29 -15.43
O4 NAG G . -2.76 18.23 -12.89
O5 NAG G . -0.23 18.92 -15.46
O6 NAG G . 1.11 17.42 -14.00
O7 NAG G . -2.47 18.96 -19.44
C1 BMA G . -3.59 17.09 -12.54
C2 BMA G . -3.84 17.01 -11.01
C3 BMA G . -4.57 15.71 -10.74
C4 BMA G . -5.89 15.70 -11.55
C5 BMA G . -5.59 15.88 -13.05
C6 BMA G . -6.84 16.00 -13.93
O2 BMA G . -4.74 18.04 -10.65
O3 BMA G . -4.83 15.33 -9.32
O4 BMA G . -6.56 14.47 -11.37
O5 BMA G . -4.80 17.08 -13.25
O6 BMA G . -7.35 17.34 -13.80
C1 MAN G . -4.28 16.14 -8.24
C2 MAN G . -3.02 15.53 -7.60
C3 MAN G . -3.31 14.20 -6.90
C4 MAN G . -4.45 14.41 -5.91
C5 MAN G . -5.63 15.01 -6.67
C6 MAN G . -6.88 15.12 -5.80
O2 MAN G . -2.53 16.46 -6.67
O3 MAN G . -2.18 13.72 -6.21
O4 MAN G . -4.80 13.17 -5.31
O5 MAN G . -5.24 16.27 -7.19
O6 MAN G . -8.04 15.06 -6.61
C1 MAN G . -8.78 17.27 -13.72
C2 MAN G . -9.30 16.94 -15.10
C3 MAN G . -8.82 18.03 -16.06
C4 MAN G . -9.19 19.42 -15.55
C5 MAN G . -8.90 19.60 -14.06
C6 MAN G . -9.59 20.86 -13.57
O2 MAN G . -10.70 16.88 -15.05
O3 MAN G . -9.38 17.82 -17.35
O4 MAN G . -8.46 20.40 -16.27
O5 MAN G . -9.36 18.49 -13.32
O6 MAN G . -8.87 21.40 -12.48
C1 NAG H . 3.00 13.30 -0.13
C2 NAG H . 2.90 13.57 -1.63
C3 NAG H . 3.28 15.00 -1.97
C4 NAG H . 2.58 16.00 -1.04
C5 NAG H . 2.54 15.54 0.41
C6 NAG H . 1.56 16.39 1.22
C7 NAG H . 3.19 11.86 -3.32
C8 NAG H . 4.15 11.18 -4.27
N2 NAG H . 3.72 12.63 -2.37
O3 NAG H . 2.93 15.27 -3.31
O4 NAG H . 3.26 17.24 -1.10
O5 NAG H . 2.14 14.20 0.52
O6 NAG H . 0.89 15.57 2.15
O7 NAG H . 1.97 11.69 -3.44
C1 NAG H . 2.55 18.14 -1.98
C2 NAG H . 2.56 19.54 -1.39
C3 NAG H . 1.95 20.59 -2.32
C4 NAG H . 2.37 20.41 -3.77
C5 NAG H . 2.41 18.95 -4.20
C6 NAG H . 3.07 18.82 -5.57
C7 NAG H . 2.45 20.04 0.98
C8 NAG H . 1.88 21.32 1.53
N2 NAG H . 1.86 19.56 -0.11
O3 NAG H . 2.33 21.87 -1.89
O4 NAG H . 1.45 21.09 -4.60
O5 NAG H . 3.11 18.15 -3.27
O6 NAG H . 3.46 17.48 -5.77
O7 NAG H . 3.43 19.51 1.50
C1 BMA H . 1.90 22.40 -4.98
C2 BMA H . 1.10 22.90 -6.22
C3 BMA H . 1.61 24.27 -6.64
C4 BMA H . 1.68 25.23 -5.43
C5 BMA H . 2.50 24.58 -4.28
C6 BMA H . 2.61 25.45 -3.02
O2 BMA H . -0.27 23.07 -5.89
O3 BMA H . 0.83 24.82 -7.72
O4 BMA H . 2.30 26.44 -5.80
O5 BMA H . 1.88 23.33 -3.93
O6 BMA H . 1.33 25.65 -2.44
C1 MAN H . 1.49 26.44 -1.25
C2 MAN H . 1.13 25.62 -0.02
C3 MAN H . -0.34 25.23 -0.09
C4 MAN H . -1.20 26.48 -0.21
C5 MAN H . -0.69 27.36 -1.37
C6 MAN H . -1.38 28.73 -1.41
O2 MAN H . 1.36 26.41 1.13
O3 MAN H . -0.70 24.51 1.08
O4 MAN H . -2.55 26.11 -0.40
O5 MAN H . 0.69 27.60 -1.24
O6 MAN H . -2.76 28.62 -1.15
#